data_5O9S
#
_entry.id   5O9S
#
_cell.length_a   58.022
_cell.length_b   80.252
_cell.length_c   178.147
_cell.angle_alpha   90.00
_cell.angle_beta   90.00
_cell.angle_gamma   90.00
#
_symmetry.space_group_name_H-M   'P 2 21 21'
#
loop_
_entity.id
_entity.type
_entity.pdbx_description
1 polymer 'Glycylpeptide N-tetradecanoyltransferase 1'
2 polymer 'Neuronal calcium sensor 1'
3 non-polymer GLYCEROL
4 non-polymer 'CHLORIDE ION'
5 non-polymer 'MYRISTIC ACID'
6 water water
#
loop_
_entity_poly.entity_id
_entity_poly.type
_entity_poly.pdbx_seq_one_letter_code
_entity_poly.pdbx_strand_id
1 'polypeptide(L)'
;GGSEFSVGQGPAKTMEEASKRSYQFWDTQPVPKLGEVVNTHGPVEPDKDNIRQEPYTLPQGFTWDALDLGDRGVLKELYT
LLNENYVEDDDNMFRFDYSPEFLLWALRPPGWLPQWHCGVRVVSSRKLVGFISAIPANIHIYDTEKKMVEINFLCVHKKL
RSKRVAPVLIREITRRVHLEGIFQAVYTAGVVLPKPVGTCRYWHRSLNPRKLIEVKFSHLSRNMTMQRTMKLYRLPETPK
TAGLRPMETKDIPVVHQLLTRYLKQFHLTPVMSQEEVEHWFYPQENIIDTFVVENANGEVTDFLSFYTLPSTIMNHPTHK
SLKAAYSFYNVHTQTPLLDLMSDALVLAKMKGFDVFNALDLMENKTFLEKLKFGIGDGNLQYYLYNWKCPSMGAEKVGLV
LQ
;
A,B
2 'polypeptide(L)' GKSNSKLK C,D
#
loop_
_chem_comp.id
_chem_comp.type
_chem_comp.name
_chem_comp.formula
CL non-polymer 'CHLORIDE ION' 'Cl -1'
GOL non-polymer GLYCEROL 'C3 H8 O3'
MYR non-polymer 'MYRISTIC ACID' 'C14 H28 O2'
#
# COMPACT_ATOMS: atom_id res chain seq x y z
N ARG A 21 -35.64 -12.81 7.87
CA ARG A 21 -35.08 -12.61 6.54
C ARG A 21 -34.37 -13.86 6.02
N SER A 22 -34.31 -13.97 4.70
CA SER A 22 -33.41 -14.90 4.02
C SER A 22 -32.37 -14.08 3.26
N TYR A 23 -31.12 -14.52 3.31
CA TYR A 23 -30.01 -13.76 2.75
C TYR A 23 -29.43 -14.56 1.58
N GLN A 24 -30.07 -14.41 0.41
CA GLN A 24 -29.64 -15.12 -0.78
C GLN A 24 -28.18 -14.80 -1.13
N PHE A 25 -27.77 -13.55 -0.97
CA PHE A 25 -26.45 -13.13 -1.41
C PHE A 25 -25.38 -13.43 -0.36
N TRP A 26 -25.66 -13.13 0.91
CA TRP A 26 -24.65 -13.24 1.94
C TRP A 26 -24.40 -14.67 2.38
N ASP A 27 -25.32 -15.60 2.07
CA ASP A 27 -25.05 -17.00 2.33
C ASP A 27 -23.96 -17.56 1.41
N THR A 28 -23.71 -16.90 0.28
CA THR A 28 -22.64 -17.28 -0.63
C THR A 28 -21.33 -16.58 -0.32
N GLN A 29 -21.31 -15.71 0.70
CA GLN A 29 -20.15 -14.88 1.01
C GLN A 29 -19.44 -15.39 2.28
N PRO A 30 -18.12 -15.19 2.39
CA PRO A 30 -17.37 -15.63 3.58
C PRO A 30 -17.67 -14.79 4.81
N VAL A 31 -18.92 -14.76 5.24
CA VAL A 31 -19.32 -14.08 6.47
C VAL A 31 -20.14 -15.07 7.30
N PRO A 32 -20.04 -15.05 8.62
CA PRO A 32 -20.89 -15.91 9.45
C PRO A 32 -22.34 -15.44 9.39
N LYS A 33 -23.26 -16.38 9.58
CA LYS A 33 -24.67 -16.02 9.54
C LYS A 33 -25.11 -15.46 10.90
N LEU A 34 -26.32 -14.89 10.91
CA LEU A 34 -26.77 -14.07 12.03
C LEU A 34 -26.87 -14.88 13.33
N GLY A 35 -27.50 -16.05 13.27
CA GLY A 35 -27.68 -16.84 14.49
C GLY A 35 -26.39 -17.37 15.06
N GLU A 36 -25.30 -17.35 14.29
CA GLU A 36 -24.05 -17.95 14.72
C GLU A 36 -23.42 -17.15 15.86
N VAL A 37 -22.78 -17.86 16.79
CA VAL A 37 -22.00 -17.24 17.85
C VAL A 37 -20.55 -17.62 17.64
N VAL A 38 -19.68 -16.63 17.50
CA VAL A 38 -18.29 -16.84 17.12
C VAL A 38 -17.41 -16.76 18.37
N ASN A 39 -16.57 -17.78 18.56
CA ASN A 39 -15.59 -17.77 19.63
C ASN A 39 -14.17 -17.90 19.12
N THR A 40 -13.97 -17.86 17.79
CA THR A 40 -12.67 -17.98 17.17
C THR A 40 -12.20 -16.63 16.65
N HIS A 41 -10.97 -16.61 16.12
CA HIS A 41 -10.38 -15.40 15.55
C HIS A 41 -9.58 -15.80 14.32
N GLY A 42 -10.05 -15.40 13.14
CA GLY A 42 -9.37 -15.73 11.91
C GLY A 42 -10.22 -15.56 10.67
N PRO A 43 -9.60 -15.74 9.50
CA PRO A 43 -10.36 -15.62 8.24
C PRO A 43 -11.32 -16.78 8.04
N VAL A 44 -12.31 -16.54 7.20
CA VAL A 44 -13.26 -17.58 6.84
C VAL A 44 -12.74 -18.44 5.71
N GLU A 45 -12.19 -17.83 4.68
CA GLU A 45 -11.57 -18.54 3.57
C GLU A 45 -10.14 -18.04 3.37
N PRO A 46 -9.27 -18.85 2.80
CA PRO A 46 -7.86 -18.45 2.66
C PRO A 46 -7.68 -17.37 1.60
N ASP A 47 -6.47 -16.81 1.59
CA ASP A 47 -6.09 -15.90 0.52
C ASP A 47 -6.08 -16.65 -0.80
N LYS A 48 -6.51 -15.97 -1.86
CA LYS A 48 -6.67 -16.62 -3.16
C LYS A 48 -5.36 -16.60 -3.93
N ASP A 49 -4.94 -17.78 -4.40
CA ASP A 49 -3.71 -17.89 -5.16
C ASP A 49 -3.88 -17.42 -6.61
N ASN A 50 -5.08 -17.54 -7.16
CA ASN A 50 -5.38 -16.99 -8.47
C ASN A 50 -6.76 -16.33 -8.42
N ILE A 51 -6.86 -15.14 -9.01
CA ILE A 51 -8.05 -14.31 -8.94
C ILE A 51 -8.60 -14.16 -10.35
N ARG A 52 -9.94 -14.21 -10.47
CA ARG A 52 -10.61 -14.03 -11.75
C ARG A 52 -10.21 -12.71 -12.39
N GLN A 53 -9.86 -12.76 -13.68
CA GLN A 53 -9.32 -11.59 -14.37
C GLN A 53 -10.39 -10.75 -15.04
N GLU A 54 -11.49 -11.33 -15.43
CA GLU A 54 -12.40 -10.45 -16.16
C GLU A 54 -13.49 -9.92 -15.25
N PRO A 55 -13.97 -8.70 -15.51
CA PRO A 55 -15.04 -8.15 -14.67
C PRO A 55 -16.32 -8.96 -14.77
N TYR A 56 -17.14 -8.84 -13.74
CA TYR A 56 -18.41 -9.56 -13.69
C TYR A 56 -19.38 -8.99 -14.72
N THR A 57 -20.33 -9.84 -15.12
CA THR A 57 -21.30 -9.46 -16.13
C THR A 57 -22.32 -8.49 -15.54
N LEU A 58 -22.40 -7.30 -16.10
CA LEU A 58 -23.52 -6.42 -15.79
C LEU A 58 -24.69 -6.73 -16.73
N PRO A 59 -25.92 -6.45 -16.31
CA PRO A 59 -27.07 -6.61 -17.23
C PRO A 59 -26.85 -5.85 -18.52
N GLN A 60 -27.48 -6.33 -19.59
CA GLN A 60 -27.26 -5.76 -20.92
C GLN A 60 -27.61 -4.28 -20.94
N GLY A 61 -26.68 -3.46 -21.45
CA GLY A 61 -26.87 -2.03 -21.54
C GLY A 61 -26.05 -1.22 -20.57
N PHE A 62 -25.25 -1.87 -19.71
CA PHE A 62 -24.46 -1.17 -18.72
C PHE A 62 -23.04 -1.73 -18.72
N THR A 63 -22.07 -0.85 -18.45
CA THR A 63 -20.67 -1.24 -18.45
C THR A 63 -19.98 -0.64 -17.23
N TRP A 64 -18.87 -1.26 -16.84
CA TRP A 64 -18.08 -0.77 -15.72
C TRP A 64 -17.32 0.47 -16.13
N ASP A 65 -16.73 1.13 -15.12
CA ASP A 65 -15.86 2.28 -15.33
C ASP A 65 -15.15 2.58 -14.03
N ALA A 66 -13.87 2.92 -14.12
CA ALA A 66 -13.11 3.43 -12.98
C ALA A 66 -13.15 4.95 -13.00
N LEU A 67 -13.62 5.54 -11.91
CA LEU A 67 -13.84 6.98 -11.86
C LEU A 67 -12.56 7.69 -11.42
N ASP A 68 -12.04 8.55 -12.29
CA ASP A 68 -10.90 9.39 -11.96
C ASP A 68 -11.44 10.71 -11.41
N LEU A 69 -11.52 10.80 -10.08
CA LEU A 69 -12.09 11.98 -9.44
C LEU A 69 -11.24 13.23 -9.65
N GLY A 70 -10.02 13.09 -10.17
CA GLY A 70 -9.25 14.24 -10.60
C GLY A 70 -9.91 15.02 -11.71
N ASP A 71 -10.85 14.40 -12.42
CA ASP A 71 -11.66 15.11 -13.40
C ASP A 71 -12.84 15.76 -12.68
N ARG A 72 -12.92 17.09 -12.76
CA ARG A 72 -13.98 17.79 -12.04
C ARG A 72 -15.37 17.41 -12.55
N GLY A 73 -15.48 17.03 -13.82
CA GLY A 73 -16.74 16.61 -14.38
C GLY A 73 -17.14 15.21 -13.94
N VAL A 74 -16.16 14.30 -13.88
CA VAL A 74 -16.42 12.96 -13.38
C VAL A 74 -16.79 13.02 -11.90
N LEU A 75 -16.04 13.80 -11.11
CA LEU A 75 -16.43 14.03 -9.73
C LEU A 75 -17.81 14.68 -9.64
N LYS A 76 -18.12 15.56 -10.59
CA LYS A 76 -19.44 16.17 -10.64
C LYS A 76 -20.52 15.11 -10.83
N GLU A 77 -20.27 14.14 -11.72
CA GLU A 77 -21.23 13.07 -11.95
C GLU A 77 -21.45 12.25 -10.69
N LEU A 78 -20.41 12.05 -9.88
CA LEU A 78 -20.54 11.17 -8.73
C LEU A 78 -21.45 11.77 -7.67
N TYR A 79 -21.16 13.01 -7.24
CA TYR A 79 -21.98 13.59 -6.18
C TYR A 79 -23.41 13.86 -6.64
N THR A 80 -23.59 14.12 -7.94
CA THR A 80 -24.95 14.20 -8.47
C THR A 80 -25.67 12.87 -8.34
N LEU A 81 -24.96 11.76 -8.57
CA LEU A 81 -25.53 10.44 -8.37
C LEU A 81 -25.84 10.17 -6.91
N LEU A 82 -24.88 10.48 -6.02
CA LEU A 82 -25.08 10.22 -4.60
C LEU A 82 -26.18 11.12 -4.04
N ASN A 83 -26.11 12.42 -4.27
CA ASN A 83 -27.06 13.34 -3.66
C ASN A 83 -28.48 13.20 -4.22
N GLU A 84 -28.70 12.32 -5.21
CA GLU A 84 -30.04 12.06 -5.71
C GLU A 84 -30.50 10.63 -5.49
N ASN A 85 -29.61 9.70 -5.12
CA ASN A 85 -29.99 8.29 -5.00
C ASN A 85 -29.39 7.58 -3.80
N TYR A 86 -28.65 8.26 -2.93
CA TYR A 86 -27.98 7.60 -1.81
C TYR A 86 -28.90 7.57 -0.59
N VAL A 87 -28.36 7.11 0.54
CA VAL A 87 -29.16 6.79 1.71
C VAL A 87 -29.91 8.00 2.22
N GLU A 88 -31.19 7.81 2.54
CA GLU A 88 -32.02 8.78 3.22
C GLU A 88 -32.40 8.24 4.59
N ASP A 89 -32.98 9.11 5.42
CA ASP A 89 -33.46 8.69 6.72
C ASP A 89 -34.65 7.73 6.55
N ASP A 90 -35.13 7.19 7.66
CA ASP A 90 -36.26 6.26 7.61
C ASP A 90 -37.54 6.90 7.07
N ASP A 91 -37.62 8.23 6.97
CA ASP A 91 -38.90 8.91 6.73
C ASP A 91 -38.96 9.70 5.42
N ASN A 92 -37.90 9.66 4.61
CA ASN A 92 -37.88 10.33 3.30
C ASN A 92 -37.99 11.85 3.45
N MET A 93 -36.99 12.42 4.11
CA MET A 93 -36.95 13.88 4.25
C MET A 93 -35.55 14.39 3.98
N PHE A 94 -34.55 13.61 4.39
CA PHE A 94 -33.16 14.06 4.38
C PHE A 94 -32.30 13.09 3.58
N ARG A 95 -31.62 13.61 2.57
CA ARG A 95 -30.64 12.87 1.80
C ARG A 95 -29.29 13.51 2.02
N PHE A 96 -28.28 12.70 2.27
CA PHE A 96 -26.92 13.21 2.46
C PHE A 96 -26.51 14.06 1.27
N ASP A 97 -26.12 15.31 1.54
CA ASP A 97 -25.70 16.24 0.50
C ASP A 97 -24.18 16.26 0.49
N TYR A 98 -23.60 15.36 -0.30
CA TYR A 98 -22.14 15.24 -0.37
C TYR A 98 -21.56 16.30 -1.28
N SER A 99 -20.48 16.89 -0.84
CA SER A 99 -19.72 17.94 -1.49
C SER A 99 -18.65 17.32 -2.40
N PRO A 100 -18.32 17.99 -3.51
CA PRO A 100 -17.17 17.53 -4.30
C PRO A 100 -15.88 17.51 -3.52
N GLU A 101 -15.64 18.53 -2.69
CA GLU A 101 -14.43 18.56 -1.88
C GLU A 101 -14.47 17.53 -0.77
N PHE A 102 -15.66 17.19 -0.28
CA PHE A 102 -15.78 16.16 0.74
C PHE A 102 -15.43 14.79 0.16
N LEU A 103 -15.95 14.48 -1.02
CA LEU A 103 -15.71 13.14 -1.59
C LEU A 103 -14.23 12.92 -1.88
N LEU A 104 -13.51 13.97 -2.27
CA LEU A 104 -12.07 13.84 -2.47
C LEU A 104 -11.36 13.50 -1.16
N TRP A 105 -11.84 14.07 -0.06
CA TRP A 105 -11.26 13.76 1.25
C TRP A 105 -11.55 12.32 1.66
N ALA A 106 -12.74 11.83 1.34
CA ALA A 106 -13.14 10.49 1.75
C ALA A 106 -12.67 9.41 0.80
N LEU A 107 -12.45 9.73 -0.47
CA LEU A 107 -12.12 8.72 -1.47
C LEU A 107 -10.71 8.84 -2.02
N ARG A 108 -9.88 9.76 -1.49
CA ARG A 108 -8.48 9.85 -1.89
C ARG A 108 -7.55 9.98 -0.68
N PRO A 109 -7.60 9.02 0.25
CA PRO A 109 -6.61 8.99 1.31
C PRO A 109 -5.35 8.31 0.82
N PRO A 110 -4.25 8.34 1.59
CA PRO A 110 -3.03 7.66 1.17
C PRO A 110 -3.28 6.23 0.72
N GLY A 111 -2.81 5.91 -0.49
CA GLY A 111 -2.90 4.56 -1.02
C GLY A 111 -4.10 4.29 -1.90
N TRP A 112 -4.90 5.30 -2.21
CA TRP A 112 -6.12 5.09 -2.97
C TRP A 112 -5.79 4.64 -4.39
N LEU A 113 -6.76 3.94 -5.00
CA LEU A 113 -6.63 3.45 -6.36
C LEU A 113 -7.82 3.92 -7.19
N PRO A 114 -7.59 4.39 -8.42
CA PRO A 114 -8.73 4.74 -9.28
C PRO A 114 -9.60 3.56 -9.64
N GLN A 115 -9.00 2.37 -9.77
CA GLN A 115 -9.78 1.15 -10.04
C GLN A 115 -10.72 0.83 -8.90
N TRP A 116 -10.43 1.30 -7.69
CA TRP A 116 -11.30 1.08 -6.53
C TRP A 116 -12.42 2.10 -6.43
N HIS A 117 -12.52 3.02 -7.39
CA HIS A 117 -13.70 3.86 -7.53
C HIS A 117 -14.60 3.26 -8.61
N CYS A 118 -15.24 2.15 -8.24
CA CYS A 118 -15.92 1.28 -9.20
C CYS A 118 -17.27 1.89 -9.57
N GLY A 119 -17.38 2.37 -10.81
CA GLY A 119 -18.62 2.95 -11.28
C GLY A 119 -19.31 2.11 -12.34
N VAL A 120 -20.61 2.30 -12.49
CA VAL A 120 -21.40 1.63 -13.52
C VAL A 120 -22.05 2.70 -14.39
N ARG A 121 -21.93 2.55 -15.71
CA ARG A 121 -22.47 3.54 -16.64
C ARG A 121 -23.38 2.85 -17.65
N VAL A 122 -24.40 3.59 -18.07
CA VAL A 122 -25.22 3.17 -19.21
C VAL A 122 -24.35 3.20 -20.47
N VAL A 123 -24.37 2.11 -21.24
CA VAL A 123 -23.45 1.96 -22.36
C VAL A 123 -23.67 3.06 -23.40
N SER A 124 -24.93 3.33 -23.75
CA SER A 124 -25.22 4.34 -24.76
C SER A 124 -25.17 5.76 -24.19
N SER A 125 -25.83 5.97 -23.05
CA SER A 125 -25.85 7.30 -22.45
C SER A 125 -24.49 7.71 -21.90
N ARG A 126 -23.70 6.74 -21.44
CA ARG A 126 -22.53 6.99 -20.60
C ARG A 126 -22.91 7.66 -19.28
N LYS A 127 -24.20 7.61 -18.94
CA LYS A 127 -24.69 8.18 -17.70
C LYS A 127 -24.28 7.32 -16.51
N LEU A 128 -23.89 7.98 -15.42
CA LEU A 128 -23.49 7.28 -14.21
C LEU A 128 -24.73 6.86 -13.44
N VAL A 129 -24.88 5.56 -13.20
CA VAL A 129 -26.09 5.03 -12.57
C VAL A 129 -25.74 4.03 -11.46
N GLY A 130 -24.47 3.95 -11.09
CA GLY A 130 -24.06 3.05 -10.02
C GLY A 130 -22.63 3.24 -9.57
N PHE A 131 -22.34 2.98 -8.30
CA PHE A 131 -21.02 3.25 -7.78
C PHE A 131 -20.77 2.45 -6.51
N ILE A 132 -19.51 2.08 -6.30
CA ILE A 132 -19.05 1.51 -5.05
C ILE A 132 -17.55 1.78 -4.94
N SER A 133 -17.07 1.96 -3.71
CA SER A 133 -15.70 2.41 -3.50
C SER A 133 -15.00 1.54 -2.46
N ALA A 134 -13.67 1.58 -2.51
CA ALA A 134 -12.83 0.90 -1.55
C ALA A 134 -11.57 1.72 -1.32
N ILE A 135 -11.26 1.98 -0.05
CA ILE A 135 -10.01 2.67 0.29
C ILE A 135 -9.23 1.76 1.22
N PRO A 136 -7.90 1.74 1.14
CA PRO A 136 -7.12 0.85 2.01
C PRO A 136 -7.07 1.38 3.43
N ALA A 137 -6.86 0.45 4.37
CA ALA A 137 -6.77 0.84 5.77
C ALA A 137 -6.14 -0.31 6.56
N ASN A 138 -5.28 0.05 7.51
CA ASN A 138 -4.80 -0.91 8.49
C ASN A 138 -5.83 -1.01 9.62
N ILE A 139 -6.40 -2.20 9.78
CA ILE A 139 -7.43 -2.44 10.80
C ILE A 139 -6.83 -3.29 11.91
N HIS A 140 -7.01 -2.84 13.14
CA HIS A 140 -6.65 -3.63 14.32
C HIS A 140 -7.94 -4.19 14.89
N ILE A 141 -8.14 -5.50 14.76
CA ILE A 141 -9.31 -6.18 15.30
C ILE A 141 -8.83 -7.12 16.40
N TYR A 142 -9.22 -6.82 17.64
CA TYR A 142 -8.75 -7.55 18.82
C TYR A 142 -7.23 -7.60 18.86
N ASP A 143 -6.66 -8.79 18.65
CA ASP A 143 -5.22 -8.99 18.79
C ASP A 143 -4.51 -9.14 17.45
N THR A 144 -5.13 -8.72 16.35
CA THR A 144 -4.58 -8.91 15.03
C THR A 144 -4.66 -7.59 14.25
N GLU A 145 -3.59 -7.29 13.52
CA GLU A 145 -3.54 -6.16 12.60
C GLU A 145 -3.55 -6.70 11.18
N LYS A 146 -4.50 -6.24 10.37
CA LYS A 146 -4.68 -6.74 9.01
C LYS A 146 -4.81 -5.58 8.04
N LYS A 147 -4.24 -5.75 6.85
CA LYS A 147 -4.44 -4.81 5.76
C LYS A 147 -5.81 -5.09 5.15
N MET A 148 -6.77 -4.20 5.36
CA MET A 148 -8.12 -4.36 4.85
C MET A 148 -8.47 -3.20 3.92
N VAL A 149 -9.71 -3.19 3.44
CA VAL A 149 -10.24 -2.06 2.71
C VAL A 149 -11.53 -1.61 3.40
N GLU A 150 -11.85 -0.33 3.23
CA GLU A 150 -13.10 0.24 3.74
C GLU A 150 -14.03 0.48 2.56
N ILE A 151 -15.15 -0.21 2.56
CA ILE A 151 -16.15 -0.09 1.50
C ILE A 151 -17.14 1.00 1.90
N ASN A 152 -17.55 1.80 0.92
CA ASN A 152 -18.49 2.88 1.19
C ASN A 152 -19.13 3.31 -0.13
N PHE A 153 -20.22 4.07 -0.01
CA PHE A 153 -20.86 4.71 -1.15
C PHE A 153 -21.39 3.71 -2.16
N LEU A 154 -21.99 2.63 -1.67
CA LEU A 154 -22.74 1.74 -2.55
C LEU A 154 -24.05 2.43 -2.91
N CYS A 155 -24.17 2.82 -4.18
CA CYS A 155 -25.32 3.62 -4.62
C CYS A 155 -25.77 3.14 -6.00
N VAL A 156 -27.05 2.82 -6.11
CA VAL A 156 -27.66 2.41 -7.37
C VAL A 156 -28.78 3.39 -7.70
N HIS A 157 -28.79 3.86 -8.95
CA HIS A 157 -29.86 4.73 -9.42
C HIS A 157 -31.22 4.10 -9.18
N LYS A 158 -32.17 4.88 -8.66
CA LYS A 158 -33.45 4.33 -8.24
C LYS A 158 -34.21 3.71 -9.40
N LYS A 159 -33.96 4.17 -10.63
CA LYS A 159 -34.55 3.52 -11.80
C LYS A 159 -33.94 2.17 -12.07
N LEU A 160 -32.72 1.92 -11.58
CA LEU A 160 -31.98 0.71 -11.89
C LEU A 160 -32.11 -0.38 -10.82
N ARG A 161 -32.69 -0.07 -9.66
CA ARG A 161 -32.63 -0.94 -8.50
C ARG A 161 -33.37 -2.26 -8.73
N SER A 162 -34.04 -2.40 -9.87
CA SER A 162 -34.83 -3.59 -10.14
C SER A 162 -34.05 -4.68 -10.88
N LYS A 163 -32.78 -4.45 -11.20
CA LYS A 163 -32.01 -5.40 -11.99
C LYS A 163 -30.87 -6.05 -11.21
N ARG A 164 -30.97 -6.09 -9.88
CA ARG A 164 -30.03 -6.84 -9.05
C ARG A 164 -28.58 -6.35 -9.23
N VAL A 165 -28.42 -5.02 -9.36
CA VAL A 165 -27.10 -4.47 -9.65
C VAL A 165 -26.22 -4.47 -8.40
N ALA A 166 -26.81 -4.32 -7.21
CA ALA A 166 -26.00 -4.22 -6.00
C ALA A 166 -25.12 -5.43 -5.76
N PRO A 167 -25.60 -6.67 -5.85
CA PRO A 167 -24.68 -7.81 -5.65
C PRO A 167 -23.53 -7.85 -6.63
N VAL A 168 -23.74 -7.38 -7.87
CA VAL A 168 -22.65 -7.37 -8.84
C VAL A 168 -21.59 -6.36 -8.45
N LEU A 169 -22.01 -5.19 -7.95
CA LEU A 169 -21.06 -4.18 -7.49
C LEU A 169 -20.21 -4.70 -6.35
N ILE A 170 -20.78 -5.53 -5.48
CA ILE A 170 -20.02 -6.06 -4.37
C ILE A 170 -19.00 -7.08 -4.85
N ARG A 171 -19.40 -7.96 -5.77
CA ARG A 171 -18.48 -8.98 -6.27
C ARG A 171 -17.37 -8.36 -7.12
N GLU A 172 -17.65 -7.26 -7.79
CA GLU A 172 -16.63 -6.65 -8.65
C GLU A 172 -15.57 -5.94 -7.82
N ILE A 173 -16.01 -5.13 -6.85
CA ILE A 173 -15.04 -4.46 -5.97
C ILE A 173 -14.28 -5.49 -5.14
N THR A 174 -14.94 -6.61 -4.77
CA THR A 174 -14.23 -7.68 -4.10
C THR A 174 -13.15 -8.28 -4.99
N ARG A 175 -13.46 -8.43 -6.29
CA ARG A 175 -12.47 -8.95 -7.22
C ARG A 175 -11.32 -7.96 -7.39
N ARG A 176 -11.64 -6.67 -7.55
CA ARG A 176 -10.59 -5.67 -7.74
C ARG A 176 -9.74 -5.49 -6.49
N VAL A 177 -10.29 -5.73 -5.31
CA VAL A 177 -9.50 -5.67 -4.09
C VAL A 177 -8.59 -6.89 -3.98
N HIS A 178 -9.10 -8.06 -4.39
CA HIS A 178 -8.28 -9.28 -4.36
C HIS A 178 -7.07 -9.16 -5.29
N LEU A 179 -7.23 -8.48 -6.43
CA LEU A 179 -6.11 -8.32 -7.36
C LEU A 179 -4.94 -7.61 -6.73
N GLU A 180 -5.17 -6.84 -5.67
CA GLU A 180 -4.12 -6.08 -4.99
C GLU A 180 -3.63 -6.78 -3.72
N GLY A 181 -4.07 -8.01 -3.47
CA GLY A 181 -3.56 -8.80 -2.37
C GLY A 181 -4.26 -8.61 -1.05
N ILE A 182 -5.42 -7.94 -1.03
CA ILE A 182 -6.18 -7.69 0.18
C ILE A 182 -7.40 -8.61 0.18
N PHE A 183 -7.69 -9.20 1.34
CA PHE A 183 -8.74 -10.21 1.43
C PHE A 183 -9.66 -10.01 2.63
N GLN A 184 -9.53 -8.90 3.36
CA GLN A 184 -10.47 -8.55 4.41
C GLN A 184 -10.99 -7.13 4.15
N ALA A 185 -12.15 -6.83 4.73
CA ALA A 185 -12.75 -5.52 4.55
C ALA A 185 -13.62 -5.18 5.76
N VAL A 186 -13.80 -3.89 5.98
CA VAL A 186 -14.73 -3.40 6.98
C VAL A 186 -15.69 -2.44 6.31
N TYR A 187 -16.96 -2.50 6.71
CA TYR A 187 -17.99 -1.67 6.11
C TYR A 187 -19.15 -1.56 7.10
N THR A 188 -20.01 -0.57 6.86
CA THR A 188 -21.16 -0.34 7.72
C THR A 188 -22.44 -0.44 6.92
N ALA A 189 -23.55 -0.46 7.65
CA ALA A 189 -24.88 -0.45 7.06
C ALA A 189 -25.90 -0.11 8.12
N GLY A 190 -26.97 0.54 7.71
CA GLY A 190 -28.11 0.77 8.58
C GLY A 190 -29.04 -0.41 8.70
N VAL A 191 -28.86 -1.42 7.86
CA VAL A 191 -29.67 -2.62 7.86
C VAL A 191 -28.86 -3.74 8.50
N VAL A 192 -29.56 -4.73 9.05
CA VAL A 192 -28.93 -5.87 9.71
C VAL A 192 -28.67 -6.95 8.65
N LEU A 193 -27.39 -7.29 8.48
CA LEU A 193 -26.95 -8.32 7.55
C LEU A 193 -26.12 -9.36 8.30
N PRO A 194 -25.84 -10.53 7.70
CA PRO A 194 -24.87 -11.41 8.35
C PRO A 194 -23.45 -10.91 8.17
N LYS A 195 -22.70 -10.61 9.23
CA LYS A 195 -23.19 -10.62 10.62
C LYS A 195 -22.49 -9.48 11.35
N PRO A 196 -23.24 -8.65 12.07
CA PRO A 196 -22.64 -7.42 12.64
C PRO A 196 -21.63 -7.75 13.73
N VAL A 197 -20.42 -7.20 13.58
CA VAL A 197 -19.41 -7.27 14.63
C VAL A 197 -19.70 -6.28 15.75
N GLY A 198 -20.48 -5.23 15.48
CA GLY A 198 -20.85 -4.25 16.48
C GLY A 198 -22.03 -3.41 16.02
N THR A 199 -22.88 -3.02 16.96
CA THR A 199 -24.08 -2.23 16.64
C THR A 199 -24.03 -0.93 17.44
N CYS A 200 -23.87 0.18 16.75
CA CYS A 200 -23.87 1.50 17.37
C CYS A 200 -25.20 2.19 17.12
N ARG A 201 -25.43 3.26 17.86
CA ARG A 201 -26.66 4.04 17.75
C ARG A 201 -26.31 5.51 17.64
N TYR A 202 -27.04 6.22 16.77
CA TYR A 202 -26.78 7.63 16.53
C TYR A 202 -27.51 8.51 17.54
N TRP A 203 -26.81 9.55 18.00
CA TRP A 203 -27.36 10.54 18.92
C TRP A 203 -27.18 11.92 18.31
N HIS A 204 -28.09 12.83 18.65
CA HIS A 204 -28.14 14.15 18.04
C HIS A 204 -28.20 15.21 19.12
N ARG A 205 -27.36 16.24 18.99
CA ARG A 205 -27.34 17.39 19.90
C ARG A 205 -27.80 18.60 19.11
N SER A 206 -28.97 19.15 19.46
CA SER A 206 -29.49 20.32 18.78
C SER A 206 -28.62 21.54 19.09
N LEU A 207 -28.12 22.18 18.03
CA LEU A 207 -27.41 23.45 18.16
C LEU A 207 -28.25 24.64 17.76
N ASN A 208 -29.16 24.46 16.80
CA ASN A 208 -30.07 25.50 16.34
C ASN A 208 -31.48 24.90 16.40
N PRO A 209 -32.09 24.88 17.60
CA PRO A 209 -33.36 24.16 17.74
C PRO A 209 -34.51 24.78 16.98
N ARG A 210 -34.42 26.06 16.62
CA ARG A 210 -35.49 26.70 15.85
C ARG A 210 -35.65 26.04 14.49
N LYS A 211 -34.54 25.81 13.79
CA LYS A 211 -34.60 25.28 12.42
C LYS A 211 -34.87 23.78 12.40
N LEU A 212 -34.34 23.03 13.37
CA LEU A 212 -34.58 21.60 13.41
C LEU A 212 -36.06 21.29 13.53
N ILE A 213 -36.79 22.10 14.31
CA ILE A 213 -38.24 21.94 14.40
C ILE A 213 -38.93 22.44 13.14
N GLU A 214 -38.38 23.48 12.51
CA GLU A 214 -38.96 24.00 11.27
C GLU A 214 -39.04 22.91 10.20
N VAL A 215 -37.96 22.18 9.99
CA VAL A 215 -37.88 21.23 8.88
C VAL A 215 -38.16 19.83 9.38
N LYS A 216 -38.65 19.74 10.62
CA LYS A 216 -39.11 18.49 11.23
C LYS A 216 -37.98 17.49 11.40
N PHE A 217 -36.76 17.97 11.65
CA PHE A 217 -35.72 17.04 12.12
C PHE A 217 -36.01 16.60 13.54
N SER A 218 -36.62 17.46 14.34
CA SER A 218 -37.05 17.14 15.70
C SER A 218 -38.46 17.67 15.89
N HIS A 219 -39.06 17.31 17.02
CA HIS A 219 -40.40 17.73 17.37
C HIS A 219 -40.39 18.44 18.72
N LEU A 220 -41.28 19.41 18.86
CA LEU A 220 -41.43 20.14 20.10
C LEU A 220 -41.89 19.20 21.21
N SER A 221 -41.08 19.05 22.24
CA SER A 221 -41.36 18.12 23.33
C SER A 221 -42.31 18.72 24.36
N ASN A 223 -44.75 19.19 27.71
CA ASN A 223 -45.03 20.36 26.88
C ASN A 223 -43.97 21.44 27.12
N MET A 224 -43.28 21.83 26.06
CA MET A 224 -42.27 22.87 26.11
C MET A 224 -42.52 23.87 25.00
N THR A 225 -42.51 25.16 25.34
CA THR A 225 -42.59 26.19 24.33
C THR A 225 -41.28 26.26 23.54
N MET A 226 -41.30 27.02 22.45
CA MET A 226 -40.06 27.30 21.72
C MET A 226 -39.07 28.05 22.60
N GLN A 227 -39.55 28.88 23.51
CA GLN A 227 -38.66 29.62 24.39
C GLN A 227 -37.94 28.70 25.36
N ARG A 228 -38.65 27.73 25.94
CA ARG A 228 -38.00 26.81 26.87
C ARG A 228 -36.98 25.93 26.17
N THR A 229 -37.29 25.49 24.95
CA THR A 229 -36.36 24.64 24.21
C THR A 229 -35.09 25.40 23.85
N MET A 230 -35.22 26.66 23.43
CA MET A 230 -34.06 27.45 23.06
C MET A 230 -33.14 27.71 24.26
N LYS A 231 -33.73 27.93 25.44
CA LYS A 231 -32.91 28.19 26.62
C LYS A 231 -32.16 26.93 27.06
N LEU A 232 -32.75 25.76 26.85
CA LEU A 232 -32.13 24.53 27.30
C LEU A 232 -30.92 24.16 26.46
N TYR A 233 -30.92 24.53 25.18
CA TYR A 233 -29.84 24.20 24.27
C TYR A 233 -28.86 25.35 24.06
N ARG A 234 -29.05 26.47 24.76
CA ARG A 234 -28.13 27.59 24.62
C ARG A 234 -26.73 27.17 25.06
N LEU A 235 -25.73 27.66 24.32
CA LEU A 235 -24.34 27.34 24.60
C LEU A 235 -23.54 28.61 24.80
N PRO A 236 -22.46 28.56 25.57
CA PRO A 236 -21.59 29.74 25.71
C PRO A 236 -21.01 30.16 24.37
N GLU A 237 -20.57 31.41 24.31
CA GLU A 237 -20.11 31.98 23.04
C GLU A 237 -18.72 31.47 22.66
N THR A 238 -17.92 31.08 23.63
CA THR A 238 -16.56 30.63 23.39
C THR A 238 -16.30 29.36 24.19
N PRO A 239 -15.36 28.53 23.75
CA PRO A 239 -15.03 27.33 24.52
C PRO A 239 -14.36 27.66 25.84
N LYS A 240 -14.38 26.69 26.75
CA LYS A 240 -13.90 26.88 28.11
C LYS A 240 -12.50 26.34 28.34
N THR A 241 -11.97 25.51 27.43
CA THR A 241 -10.71 24.83 27.68
C THR A 241 -9.53 25.73 27.33
N ALA A 242 -8.52 25.71 28.20
CA ALA A 242 -7.32 26.50 27.98
C ALA A 242 -6.51 25.92 26.83
N GLY A 243 -5.90 26.81 26.05
CA GLY A 243 -5.01 26.37 24.99
C GLY A 243 -5.70 25.70 23.83
N LEU A 244 -7.01 25.85 23.70
CA LEU A 244 -7.71 25.30 22.55
C LEU A 244 -7.40 26.14 21.32
N ARG A 245 -7.03 25.48 20.23
CA ARG A 245 -6.71 26.16 18.99
C ARG A 245 -6.83 25.17 17.85
N PRO A 246 -7.04 25.66 16.62
CA PRO A 246 -7.09 24.74 15.47
C PRO A 246 -5.78 23.99 15.30
N MET A 247 -5.90 22.75 14.83
CA MET A 247 -4.72 21.96 14.52
C MET A 247 -3.98 22.56 13.34
N GLU A 248 -2.64 22.55 13.41
CA GLU A 248 -1.82 22.97 12.28
C GLU A 248 -0.75 21.94 11.99
N THR A 249 0.15 22.25 11.06
CA THR A 249 1.07 21.26 10.51
C THR A 249 1.98 20.69 11.60
N LYS A 250 2.47 21.54 12.50
CA LYS A 250 3.40 21.08 13.53
C LYS A 250 2.75 20.13 14.53
N ASP A 251 1.42 20.08 14.59
CA ASP A 251 0.73 19.18 15.50
C ASP A 251 0.53 17.78 14.94
N ILE A 252 0.90 17.54 13.67
CA ILE A 252 0.61 16.25 13.04
C ILE A 252 1.23 15.08 13.79
N PRO A 253 2.52 15.11 14.17
CA PRO A 253 3.07 13.95 14.89
C PRO A 253 2.41 13.70 16.23
N VAL A 254 2.25 14.74 17.05
CA VAL A 254 1.70 14.52 18.38
C VAL A 254 0.22 14.14 18.30
N VAL A 255 -0.50 14.62 17.29
CA VAL A 255 -1.85 14.14 17.07
C VAL A 255 -1.83 12.67 16.68
N HIS A 256 -0.90 12.29 15.80
CA HIS A 256 -0.72 10.89 15.46
C HIS A 256 -0.35 10.08 16.69
N GLN A 257 0.50 10.63 17.56
CA GLN A 257 0.90 9.91 18.77
C GLN A 257 -0.28 9.77 19.73
N LEU A 258 -0.99 10.87 20.00
CA LEU A 258 -2.13 10.80 20.92
C LEU A 258 -3.20 9.85 20.42
N LEU A 259 -3.38 9.73 19.10
CA LEU A 259 -4.43 8.88 18.55
C LEU A 259 -4.08 7.40 18.65
N THR A 260 -2.81 7.05 18.41
CA THR A 260 -2.43 5.64 18.45
C THR A 260 -2.53 5.10 19.87
N ARG A 261 -2.08 5.87 20.86
CA ARG A 261 -2.14 5.41 22.25
C ARG A 261 -3.58 5.32 22.74
N TYR A 262 -4.41 6.30 22.39
CA TYR A 262 -5.78 6.31 22.88
C TYR A 262 -6.61 5.17 22.29
N LEU A 263 -6.27 4.70 21.09
CA LEU A 263 -7.06 3.67 20.43
C LEU A 263 -6.75 2.27 20.93
N LYS A 264 -5.64 2.07 21.65
CA LYS A 264 -5.26 0.73 22.08
C LYS A 264 -6.26 0.10 23.04
N GLN A 265 -7.16 0.89 23.63
CA GLN A 265 -8.12 0.35 24.58
C GLN A 265 -9.34 -0.27 23.91
N PHE A 266 -9.56 0.00 22.63
CA PHE A 266 -10.70 -0.53 21.91
C PHE A 266 -10.29 -1.76 21.10
N HIS A 267 -11.30 -2.47 20.60
CA HIS A 267 -11.08 -3.75 19.94
C HIS A 267 -11.14 -3.67 18.42
N LEU A 268 -11.75 -2.62 17.85
CA LEU A 268 -11.80 -2.42 16.40
C LEU A 268 -11.36 -0.98 16.12
N THR A 269 -10.13 -0.80 15.65
CA THR A 269 -9.55 0.52 15.49
C THR A 269 -8.74 0.59 14.20
N PRO A 270 -8.62 1.77 13.61
CA PRO A 270 -7.66 1.95 12.52
C PRO A 270 -6.26 2.19 13.05
N VAL A 271 -5.28 1.73 12.27
CA VAL A 271 -3.87 1.94 12.57
C VAL A 271 -3.35 2.89 11.51
N MET A 272 -3.29 4.18 11.85
CA MET A 272 -2.92 5.20 10.90
C MET A 272 -1.42 5.47 10.95
N SER A 273 -0.85 5.71 9.77
CA SER A 273 0.48 6.29 9.67
C SER A 273 0.37 7.80 9.87
N GLN A 274 1.53 8.45 10.07
CA GLN A 274 1.53 9.90 10.18
C GLN A 274 1.06 10.55 8.89
N GLU A 275 1.19 9.87 7.76
CA GLU A 275 0.65 10.40 6.51
C GLU A 275 -0.87 10.34 6.51
N GLU A 276 -1.44 9.26 7.05
CA GLU A 276 -2.89 9.12 7.11
C GLU A 276 -3.49 10.04 8.17
N VAL A 277 -2.79 10.24 9.29
CA VAL A 277 -3.26 11.17 10.30
C VAL A 277 -3.39 12.58 9.72
N GLU A 278 -2.41 12.99 8.90
CA GLU A 278 -2.49 14.29 8.26
C GLU A 278 -3.73 14.39 7.37
N HIS A 279 -4.00 13.34 6.58
CA HIS A 279 -5.13 13.40 5.66
C HIS A 279 -6.45 13.52 6.39
N TRP A 280 -6.67 12.72 7.43
CA TRP A 280 -7.97 12.65 8.06
C TRP A 280 -8.21 13.78 9.06
N PHE A 281 -7.16 14.42 9.57
CA PHE A 281 -7.31 15.37 10.65
C PHE A 281 -6.88 16.79 10.33
N TYR A 282 -6.03 17.00 9.33
CA TYR A 282 -5.63 18.36 9.02
C TYR A 282 -6.85 19.17 8.59
N PRO A 283 -7.11 20.33 9.19
CA PRO A 283 -8.41 20.99 8.98
C PRO A 283 -8.60 21.43 7.53
N GLN A 284 -9.79 21.19 7.01
CA GLN A 284 -10.23 21.68 5.71
C GLN A 284 -11.61 22.29 5.87
N GLU A 285 -11.77 23.51 5.40
CA GLU A 285 -13.04 24.23 5.53
C GLU A 285 -14.18 23.42 4.92
N ASN A 286 -15.25 23.26 5.70
CA ASN A 286 -16.47 22.55 5.30
C ASN A 286 -16.25 21.06 5.07
N ILE A 287 -15.17 20.49 5.59
CA ILE A 287 -14.89 19.08 5.42
C ILE A 287 -14.57 18.46 6.77
N ILE A 288 -13.45 18.85 7.36
CA ILE A 288 -12.98 18.27 8.62
C ILE A 288 -12.45 19.40 9.50
N ASP A 289 -12.79 19.34 10.80
CA ASP A 289 -12.31 20.30 11.78
C ASP A 289 -11.63 19.56 12.93
N THR A 290 -10.47 20.07 13.34
CA THR A 290 -9.69 19.45 14.41
C THR A 290 -9.07 20.55 15.25
N PHE A 291 -9.39 20.53 16.54
CA PHE A 291 -8.87 21.49 17.50
C PHE A 291 -8.02 20.74 18.52
N VAL A 292 -6.81 21.23 18.77
CA VAL A 292 -5.92 20.62 19.73
C VAL A 292 -5.92 21.45 21.00
N VAL A 293 -5.51 20.82 22.11
CA VAL A 293 -5.36 21.47 23.40
C VAL A 293 -3.87 21.57 23.69
N GLU A 294 -3.35 22.79 23.72
CA GLU A 294 -1.95 23.07 23.99
C GLU A 294 -1.85 23.73 25.36
N ASN A 295 -1.23 23.04 26.32
CA ASN A 295 -1.28 23.48 27.71
C ASN A 295 -0.20 24.53 27.98
N ALA A 296 -0.04 24.88 29.26
CA ALA A 296 0.84 25.97 29.64
C ALA A 296 2.31 25.62 29.39
N ASN A 297 2.65 24.34 29.38
CA ASN A 297 4.00 23.90 29.08
C ASN A 297 4.24 23.73 27.58
N GLY A 298 3.26 24.07 26.74
CA GLY A 298 3.42 23.94 25.31
C GLY A 298 3.19 22.55 24.74
N GLU A 299 2.59 21.64 25.51
CA GLU A 299 2.35 20.28 25.06
C GLU A 299 0.92 20.15 24.54
N VAL A 300 0.76 19.40 23.45
CA VAL A 300 -0.57 19.03 22.97
C VAL A 300 -1.00 17.78 23.75
N THR A 301 -2.06 17.91 24.54
CA THR A 301 -2.51 16.83 25.40
C THR A 301 -3.86 16.25 25.01
N ASP A 302 -4.66 16.99 24.25
CA ASP A 302 -5.97 16.51 23.82
C ASP A 302 -6.25 17.07 22.43
N PHE A 303 -7.23 16.47 21.76
CA PHE A 303 -7.74 17.04 20.53
C PHE A 303 -9.13 16.49 20.26
N LEU A 304 -9.99 17.34 19.70
CA LEU A 304 -11.32 16.98 19.25
C LEU A 304 -11.40 17.13 17.74
N SER A 305 -12.33 16.40 17.13
CA SER A 305 -12.49 16.47 15.69
C SER A 305 -13.92 16.15 15.31
N PHE A 306 -14.41 16.81 14.26
CA PHE A 306 -15.71 16.50 13.69
C PHE A 306 -15.72 16.91 12.22
N TYR A 307 -16.34 16.07 11.39
CA TYR A 307 -16.43 16.37 9.97
C TYR A 307 -17.80 16.92 9.60
N THR A 308 -17.88 17.48 8.40
CA THR A 308 -19.06 18.20 7.92
C THR A 308 -19.78 17.38 6.86
N LEU A 309 -21.07 17.14 7.07
CA LEU A 309 -21.89 16.40 6.11
C LEU A 309 -23.32 16.95 6.19
N PRO A 310 -23.69 17.85 5.29
CA PRO A 310 -25.07 18.37 5.27
C PRO A 310 -26.03 17.37 4.65
N SER A 311 -27.32 17.63 4.87
CA SER A 311 -28.39 16.80 4.34
C SER A 311 -29.36 17.66 3.54
N THR A 312 -29.81 17.13 2.41
CA THR A 312 -30.80 17.79 1.57
C THR A 312 -32.18 17.64 2.19
N ILE A 313 -32.84 18.76 2.44
CA ILE A 313 -34.22 18.75 2.92
C ILE A 313 -35.15 18.59 1.72
N MET A 314 -35.99 17.55 1.76
CA MET A 314 -36.76 17.15 0.58
C MET A 314 -37.79 18.21 0.18
N ASN A 315 -38.44 18.86 1.15
CA ASN A 315 -39.49 19.81 0.84
C ASN A 315 -39.03 21.25 1.02
N HIS A 316 -39.60 21.94 2.00
CA HIS A 316 -39.28 23.34 2.24
C HIS A 316 -38.53 23.53 3.55
N LYS A 320 -32.92 25.24 2.69
CA LYS A 320 -32.91 24.13 1.74
C LYS A 320 -32.02 23.00 2.26
N SER A 321 -31.07 23.33 3.12
CA SER A 321 -30.05 22.39 3.56
C SER A 321 -29.98 22.34 5.07
N LEU A 322 -29.54 21.19 5.58
CA LEU A 322 -29.37 20.95 7.02
C LEU A 322 -27.89 20.76 7.30
N LYS A 323 -27.28 21.74 7.97
CA LYS A 323 -25.86 21.67 8.31
C LYS A 323 -25.69 20.76 9.52
N ALA A 324 -24.99 19.65 9.35
CA ALA A 324 -24.80 18.66 10.41
C ALA A 324 -23.32 18.38 10.59
N ALA A 325 -22.86 18.44 11.84
CA ALA A 325 -21.50 18.05 12.20
C ALA A 325 -21.51 16.66 12.81
N TYR A 326 -20.54 15.84 12.43
CA TYR A 326 -20.44 14.45 12.87
C TYR A 326 -19.18 14.26 13.69
N SER A 327 -19.35 13.78 14.92
CA SER A 327 -18.20 13.50 15.78
C SER A 327 -17.27 12.50 15.12
N PHE A 328 -15.96 12.70 15.31
CA PHE A 328 -14.95 11.93 14.60
C PHE A 328 -14.13 11.21 15.65
N TYR A 329 -12.90 11.63 15.92
CA TYR A 329 -12.11 11.04 17.01
C TYR A 329 -11.81 12.12 18.04
N ASN A 330 -12.04 11.82 19.32
CA ASN A 330 -11.83 12.78 20.39
C ASN A 330 -10.92 12.15 21.44
N VAL A 331 -9.67 12.61 21.50
CA VAL A 331 -8.65 12.01 22.34
C VAL A 331 -8.38 12.93 23.51
N HIS A 332 -8.28 12.35 24.71
CA HIS A 332 -8.10 13.13 25.92
C HIS A 332 -7.05 12.48 26.81
N THR A 333 -6.11 13.27 27.30
CA THR A 333 -5.16 12.83 28.32
C THR A 333 -5.06 13.77 29.51
N GLN A 334 -5.47 15.03 29.39
CA GLN A 334 -5.42 15.98 30.50
C GLN A 334 -6.75 16.70 30.64
N THR A 335 -7.48 16.84 29.54
CA THR A 335 -8.81 17.43 29.61
C THR A 335 -9.86 16.33 29.75
N PRO A 336 -10.83 16.50 30.64
CA PRO A 336 -11.95 15.55 30.70
C PRO A 336 -12.69 15.50 29.37
N LEU A 337 -13.10 14.30 28.98
CA LEU A 337 -13.81 14.15 27.71
C LEU A 337 -15.10 14.97 27.70
N LEU A 338 -15.74 15.12 28.87
CA LEU A 338 -16.95 15.92 28.96
C LEU A 338 -16.66 17.38 28.61
N ASP A 339 -15.56 17.92 29.15
CA ASP A 339 -15.20 19.31 28.82
C ASP A 339 -14.83 19.45 27.36
N LEU A 340 -14.16 18.43 26.81
CA LEU A 340 -13.74 18.50 25.42
C LEU A 340 -14.93 18.52 24.47
N MET A 341 -15.93 17.67 24.72
CA MET A 341 -17.08 17.61 23.83
C MET A 341 -17.99 18.82 23.99
N SER A 342 -18.00 19.44 25.17
CA SER A 342 -18.70 20.71 25.32
C SER A 342 -18.10 21.78 24.41
N ASP A 343 -16.77 21.80 24.29
CA ASP A 343 -16.12 22.74 23.37
C ASP A 343 -16.44 22.41 21.92
N ALA A 344 -16.54 21.11 21.60
CA ALA A 344 -16.95 20.72 20.26
C ALA A 344 -18.34 21.24 19.92
N LEU A 345 -19.27 21.12 20.87
CA LEU A 345 -20.60 21.69 20.66
C LEU A 345 -20.53 23.20 20.48
N VAL A 346 -19.75 23.88 21.33
CA VAL A 346 -19.61 25.33 21.21
C VAL A 346 -18.99 25.70 19.87
N LEU A 347 -17.93 25.00 19.47
CA LEU A 347 -17.26 25.29 18.21
C LEU A 347 -18.20 25.06 17.02
N ALA A 348 -18.88 23.91 16.98
CA ALA A 348 -19.81 23.64 15.90
C ALA A 348 -20.93 24.66 15.88
N LYS A 349 -21.43 25.04 17.05
CA LYS A 349 -22.41 26.12 17.13
C LYS A 349 -21.86 27.41 16.52
N MET A 350 -20.62 27.75 16.86
CA MET A 350 -20.00 28.95 16.30
C MET A 350 -19.93 28.89 14.79
N LYS A 351 -19.53 27.75 14.24
CA LYS A 351 -19.28 27.63 12.81
C LYS A 351 -20.56 27.57 11.99
N GLY A 352 -21.73 27.53 12.63
CA GLY A 352 -22.99 27.60 11.92
C GLY A 352 -23.73 26.29 11.73
N PHE A 353 -23.31 25.22 12.41
CA PHE A 353 -24.02 23.96 12.29
C PHE A 353 -25.37 24.02 13.01
N ASP A 354 -26.29 23.15 12.59
CA ASP A 354 -27.61 23.06 13.19
C ASP A 354 -27.76 21.87 14.12
N VAL A 355 -26.91 20.85 13.99
CA VAL A 355 -27.00 19.66 14.83
C VAL A 355 -25.64 19.00 14.88
N PHE A 356 -25.30 18.45 16.05
CA PHE A 356 -24.03 17.76 16.28
C PHE A 356 -24.34 16.28 16.50
N ASN A 357 -23.89 15.44 15.56
CA ASN A 357 -24.18 14.02 15.57
C ASN A 357 -23.00 13.25 16.14
N ALA A 358 -23.31 12.17 16.88
CA ALA A 358 -22.28 11.33 17.46
C ALA A 358 -22.85 9.96 17.73
N LEU A 359 -22.04 8.94 17.50
CA LEU A 359 -22.44 7.57 17.81
C LEU A 359 -22.26 7.31 19.31
N ASP A 360 -22.67 6.12 19.75
CA ASP A 360 -22.45 5.70 21.12
C ASP A 360 -21.24 4.79 21.26
N LEU A 361 -20.32 4.83 20.29
CA LEU A 361 -19.12 4.01 20.36
C LEU A 361 -18.02 4.72 21.14
N MET A 362 -16.91 4.01 21.34
CA MET A 362 -15.76 4.50 22.13
C MET A 362 -16.29 4.89 23.51
N GLU A 363 -15.89 6.03 24.06
CA GLU A 363 -16.36 6.46 25.37
C GLU A 363 -17.51 7.45 25.28
N ASN A 364 -18.19 7.50 24.12
CA ASN A 364 -19.20 8.54 23.89
C ASN A 364 -20.39 8.42 24.83
N LYS A 365 -20.67 7.24 25.36
CA LYS A 365 -21.79 7.09 26.29
C LYS A 365 -21.55 7.81 27.62
N THR A 366 -20.33 8.27 27.87
CA THR A 366 -20.06 9.00 29.10
C THR A 366 -20.52 10.46 29.03
N PHE A 367 -20.76 11.00 27.83
CA PHE A 367 -21.17 12.40 27.72
C PHE A 367 -22.44 12.64 26.92
N LEU A 368 -22.92 11.65 26.15
CA LEU A 368 -24.09 11.87 25.30
C LEU A 368 -25.27 12.40 26.09
N GLU A 369 -25.62 11.73 27.18
CA GLU A 369 -26.79 12.12 27.96
C GLU A 369 -26.52 13.39 28.77
N LYS A 370 -25.30 13.55 29.28
CA LYS A 370 -24.98 14.74 30.08
C LYS A 370 -24.97 16.00 29.23
N LEU A 371 -24.49 15.91 27.99
CA LEU A 371 -24.43 17.06 27.10
C LEU A 371 -25.71 17.25 26.29
N LYS A 372 -26.80 16.60 26.70
CA LYS A 372 -28.14 16.82 26.14
C LYS A 372 -28.28 16.29 24.71
N PHE A 373 -27.54 15.24 24.36
CA PHE A 373 -27.83 14.52 23.13
C PHE A 373 -29.13 13.75 23.28
N GLY A 374 -29.81 13.54 22.18
CA GLY A 374 -31.00 12.71 22.13
C GLY A 374 -30.76 11.50 21.23
N ILE A 375 -31.23 10.33 21.69
CA ILE A 375 -31.04 9.13 20.91
C ILE A 375 -31.82 9.25 19.60
N GLY A 376 -31.31 8.59 18.56
CA GLY A 376 -31.78 8.81 17.21
C GLY A 376 -32.57 7.65 16.62
N ASP A 377 -32.88 7.79 15.34
CA ASP A 377 -33.68 6.85 14.56
C ASP A 377 -33.14 5.43 14.64
N GLY A 378 -32.10 5.14 13.84
CA GLY A 378 -31.64 3.78 13.65
C GLY A 378 -30.15 3.66 13.85
N ASN A 379 -29.68 2.41 13.76
CA ASN A 379 -28.34 2.03 14.16
C ASN A 379 -27.35 2.17 13.01
N LEU A 380 -26.08 1.91 13.34
CA LEU A 380 -25.02 1.77 12.35
C LEU A 380 -24.33 0.45 12.66
N GLN A 381 -24.60 -0.56 11.83
CA GLN A 381 -24.05 -1.90 12.02
C GLN A 381 -22.66 -1.96 11.41
N TYR A 382 -21.70 -2.42 12.19
CA TYR A 382 -20.33 -2.60 11.72
C TYR A 382 -20.11 -4.04 11.29
N TYR A 383 -19.39 -4.22 10.19
CA TYR A 383 -19.20 -5.53 9.58
C TYR A 383 -17.75 -5.74 9.19
N LEU A 384 -17.30 -6.99 9.30
CA LEU A 384 -16.02 -7.43 8.80
C LEU A 384 -16.26 -8.49 7.73
N TYR A 385 -15.66 -8.29 6.56
CA TYR A 385 -15.76 -9.25 5.48
C TYR A 385 -14.58 -10.22 5.57
N ASN A 386 -14.89 -11.52 5.59
CA ASN A 386 -13.88 -12.59 5.61
C ASN A 386 -13.03 -12.54 6.89
N TRP A 387 -13.69 -12.34 8.03
CA TRP A 387 -13.01 -12.42 9.32
C TRP A 387 -14.00 -12.89 10.37
N LYS A 388 -13.68 -14.02 11.02
CA LYS A 388 -14.53 -14.62 12.04
C LYS A 388 -14.01 -14.22 13.42
N CYS A 389 -14.83 -13.52 14.19
CA CYS A 389 -14.43 -13.06 15.52
C CYS A 389 -15.70 -12.75 16.31
N PRO A 390 -15.62 -12.75 17.64
CA PRO A 390 -16.80 -12.43 18.45
C PRO A 390 -17.24 -10.98 18.27
N SER A 391 -18.50 -10.74 18.57
CA SER A 391 -19.02 -9.38 18.55
C SER A 391 -18.48 -8.60 19.75
N MET A 392 -18.70 -7.30 19.71
CA MET A 392 -18.30 -6.43 20.80
C MET A 392 -19.38 -5.38 21.02
N GLY A 393 -19.49 -4.91 22.25
CA GLY A 393 -20.36 -3.78 22.53
C GLY A 393 -19.91 -2.54 21.81
N ALA A 394 -20.87 -1.63 21.60
CA ALA A 394 -20.56 -0.39 20.90
C ALA A 394 -19.40 0.36 21.54
N GLU A 395 -19.29 0.28 22.88
CA GLU A 395 -18.22 0.95 23.59
C GLU A 395 -16.83 0.45 23.21
N LYS A 396 -16.73 -0.68 22.51
CA LYS A 396 -15.45 -1.22 22.11
C LYS A 396 -15.09 -0.89 20.66
N VAL A 397 -16.01 -0.30 19.91
CA VAL A 397 -15.72 0.08 18.53
C VAL A 397 -14.98 1.41 18.53
N GLY A 398 -13.80 1.43 17.94
CA GLY A 398 -13.02 2.65 17.81
C GLY A 398 -12.76 3.01 16.36
N LEU A 399 -13.81 2.94 15.55
CA LEU A 399 -13.68 3.19 14.12
C LEU A 399 -14.83 4.08 13.66
N VAL A 400 -14.49 5.16 12.95
CA VAL A 400 -15.48 6.08 12.43
C VAL A 400 -15.27 6.21 10.93
N LEU A 401 -16.26 5.83 10.15
CA LEU A 401 -16.19 5.92 8.69
C LEU A 401 -16.92 7.16 8.19
N GLN A 402 -16.65 7.51 6.93
CA GLN A 402 -17.23 8.71 6.32
C GLN A 402 -18.65 8.44 5.81
N ARG B 21 35.83 -4.57 11.33
CA ARG B 21 35.90 -3.11 11.30
C ARG B 21 34.83 -2.48 12.19
N SER B 22 34.94 -1.16 12.37
CA SER B 22 33.98 -0.40 13.16
C SER B 22 33.10 0.42 12.23
N TYR B 23 31.79 0.35 12.44
CA TYR B 23 30.81 1.05 11.61
C TYR B 23 30.17 2.15 12.45
N GLN B 24 30.61 3.39 12.22
CA GLN B 24 30.03 4.51 12.95
C GLN B 24 28.55 4.66 12.64
N PHE B 25 28.16 4.46 11.38
CA PHE B 25 26.77 4.66 10.99
C PHE B 25 25.89 3.48 11.42
N TRP B 26 26.32 2.26 11.14
CA TRP B 26 25.44 1.10 11.32
C TRP B 26 25.25 0.71 12.78
N ASP B 27 26.09 1.21 13.69
CA ASP B 27 25.84 0.98 15.11
C ASP B 27 24.70 1.84 15.62
N THR B 28 24.46 2.99 14.97
CA THR B 28 23.33 3.85 15.32
C THR B 28 22.02 3.36 14.72
N GLN B 29 22.05 2.31 13.89
CA GLN B 29 20.92 1.78 13.14
C GLN B 29 20.37 0.53 13.80
N PRO B 30 19.03 0.32 13.73
CA PRO B 30 18.41 -0.89 14.32
C PRO B 30 18.64 -2.14 13.49
N VAL B 31 19.90 -2.57 13.45
CA VAL B 31 20.27 -3.82 12.79
C VAL B 31 21.11 -4.63 13.77
N PRO B 32 21.07 -5.96 13.71
CA PRO B 32 21.90 -6.76 14.62
C PRO B 32 23.38 -6.47 14.41
N LYS B 33 24.14 -6.50 15.51
CA LYS B 33 25.57 -6.27 15.43
C LYS B 33 26.24 -7.38 14.62
N LEU B 34 27.41 -7.07 14.08
CA LEU B 34 28.03 -7.95 13.10
C LEU B 34 28.50 -9.25 13.73
N GLY B 35 29.07 -9.18 14.94
CA GLY B 35 29.51 -10.40 15.61
C GLY B 35 28.40 -11.19 16.26
N GLU B 36 27.24 -10.57 16.49
CA GLU B 36 26.16 -11.23 17.20
C GLU B 36 25.49 -12.28 16.33
N VAL B 37 25.11 -13.40 16.95
CA VAL B 37 24.30 -14.43 16.34
C VAL B 37 22.90 -14.34 16.94
N VAL B 38 21.88 -14.39 16.09
CA VAL B 38 20.51 -14.11 16.49
C VAL B 38 19.74 -15.42 16.62
N ASN B 39 19.16 -15.66 17.79
CA ASN B 39 18.16 -16.69 17.98
C ASN B 39 16.77 -16.11 18.12
N THR B 40 16.62 -14.79 18.01
CA THR B 40 15.36 -14.09 18.22
C THR B 40 14.69 -13.82 16.88
N HIS B 41 13.36 -13.89 16.88
CA HIS B 41 12.54 -13.43 15.77
C HIS B 41 11.74 -12.22 16.22
N GLY B 42 11.90 -11.10 15.52
CA GLY B 42 11.13 -9.91 15.82
C GLY B 42 11.84 -8.62 15.47
N PRO B 43 11.18 -7.49 15.72
CA PRO B 43 11.78 -6.20 15.38
C PRO B 43 12.93 -5.86 16.31
N VAL B 44 13.88 -5.09 15.79
CA VAL B 44 14.98 -4.60 16.63
C VAL B 44 14.47 -3.55 17.59
N GLU B 45 13.56 -2.69 17.14
CA GLU B 45 12.99 -1.63 17.95
C GLU B 45 11.51 -1.52 17.61
N PRO B 46 10.69 -1.00 18.54
CA PRO B 46 9.26 -0.87 18.25
C PRO B 46 8.99 0.25 17.26
N ASP B 47 7.80 0.21 16.68
CA ASP B 47 7.38 1.24 15.74
C ASP B 47 7.30 2.60 16.43
N LYS B 48 7.31 3.64 15.62
CA LYS B 48 7.38 5.01 16.12
C LYS B 48 6.02 5.67 16.02
N ASP B 49 5.47 6.10 17.16
CA ASP B 49 4.27 6.93 17.19
C ASP B 49 4.53 8.34 16.70
N ASN B 50 5.79 8.65 16.38
CA ASN B 50 6.25 10.02 16.23
C ASN B 50 7.31 10.03 15.13
N ILE B 51 7.05 10.74 14.04
CA ILE B 51 7.95 10.74 12.89
C ILE B 51 8.42 12.16 12.60
N ARG B 52 9.72 12.28 12.34
CA ARG B 52 10.34 13.56 11.99
C ARG B 52 9.69 14.15 10.75
N GLN B 53 9.17 15.38 10.87
CA GLN B 53 8.45 16.03 9.79
C GLN B 53 9.34 16.74 8.78
N GLU B 54 10.56 17.08 9.14
CA GLU B 54 11.37 17.87 8.22
C GLU B 54 12.53 17.05 7.68
N PRO B 55 12.88 17.23 6.40
CA PRO B 55 13.97 16.45 5.82
C PRO B 55 15.29 16.72 6.52
N TYR B 56 16.19 15.75 6.46
CA TYR B 56 17.50 15.89 7.06
C TYR B 56 18.33 16.93 6.31
N THR B 57 19.35 17.44 6.99
CA THR B 57 20.16 18.51 6.46
C THR B 57 21.24 17.98 5.53
N LEU B 58 21.31 18.54 4.31
CA LEU B 58 22.33 18.30 3.30
C LEU B 58 23.38 19.40 3.36
N PRO B 59 24.61 19.11 2.91
CA PRO B 59 25.63 20.16 2.85
C PRO B 59 25.16 21.36 2.04
N GLN B 60 25.78 22.50 2.33
CA GLN B 60 25.43 23.73 1.64
C GLN B 60 25.62 23.57 0.14
N GLY B 61 24.61 23.97 -0.63
CA GLY B 61 24.65 23.88 -2.06
C GLY B 61 23.88 22.70 -2.63
N PHE B 62 23.30 21.86 -1.80
CA PHE B 62 22.54 20.70 -2.24
C PHE B 62 21.17 20.71 -1.58
N THR B 63 20.17 20.19 -2.30
CA THR B 63 18.80 20.18 -1.81
C THR B 63 18.16 18.84 -2.15
N TRP B 64 17.03 18.59 -1.51
CA TRP B 64 16.26 17.39 -1.78
C TRP B 64 15.33 17.61 -2.97
N ASP B 65 15.08 16.54 -3.71
CA ASP B 65 14.11 16.58 -4.80
C ASP B 65 13.42 15.22 -4.88
N ALA B 66 12.24 15.23 -5.49
CA ALA B 66 11.48 14.01 -5.75
C ALA B 66 11.38 13.82 -7.26
N LEU B 67 11.94 12.72 -7.76
CA LEU B 67 12.02 12.50 -9.20
C LEU B 67 10.70 11.91 -9.69
N ASP B 68 10.00 12.67 -10.53
CA ASP B 68 8.87 12.14 -11.29
C ASP B 68 9.45 11.48 -12.53
N LEU B 69 9.59 10.16 -12.47
CA LEU B 69 10.16 9.44 -13.62
C LEU B 69 9.20 9.40 -14.81
N GLY B 70 7.95 9.82 -14.63
CA GLY B 70 7.08 10.03 -15.78
C GLY B 70 7.55 11.14 -16.69
N ASP B 71 8.39 12.03 -16.17
CA ASP B 71 9.08 13.02 -17.00
C ASP B 71 10.28 12.35 -17.65
N ARG B 72 10.29 12.29 -18.98
CA ARG B 72 11.38 11.63 -19.69
C ARG B 72 12.71 12.32 -19.40
N GLY B 73 12.70 13.65 -19.26
CA GLY B 73 13.92 14.36 -18.94
C GLY B 73 14.49 13.98 -17.59
N VAL B 74 13.62 13.89 -16.57
CA VAL B 74 14.07 13.46 -15.25
C VAL B 74 14.49 12.00 -15.28
N LEU B 75 13.86 11.18 -16.13
CA LEU B 75 14.27 9.79 -16.27
C LEU B 75 15.67 9.68 -16.86
N LYS B 76 15.95 10.45 -17.91
CA LYS B 76 17.29 10.42 -18.50
C LYS B 76 18.34 10.97 -17.53
N GLU B 77 17.95 11.91 -16.66
CA GLU B 77 18.86 12.37 -15.61
C GLU B 77 19.19 11.25 -14.64
N LEU B 78 18.18 10.49 -14.22
CA LEU B 78 18.44 9.33 -13.37
C LEU B 78 19.26 8.29 -14.12
N TYR B 79 18.97 8.08 -15.40
CA TYR B 79 19.76 7.15 -16.21
C TYR B 79 21.22 7.59 -16.25
N THR B 80 21.47 8.87 -16.55
CA THR B 80 22.83 9.35 -16.67
C THR B 80 23.59 9.26 -15.36
N LEU B 81 22.93 9.60 -14.24
CA LEU B 81 23.58 9.50 -12.94
C LEU B 81 24.05 8.08 -12.66
N LEU B 82 23.16 7.11 -12.86
CA LEU B 82 23.54 5.72 -12.63
C LEU B 82 24.52 5.22 -13.68
N ASN B 83 24.35 5.65 -14.94
CA ASN B 83 25.24 5.22 -16.01
C ASN B 83 26.69 5.65 -15.74
N GLU B 84 26.88 6.75 -15.03
CA GLU B 84 28.23 7.29 -14.82
C GLU B 84 28.76 7.10 -13.41
N ASN B 85 27.90 6.76 -12.44
CA ASN B 85 28.33 6.74 -11.05
C ASN B 85 27.81 5.57 -10.23
N TYR B 86 27.24 4.54 -10.86
CA TYR B 86 26.66 3.44 -10.09
C TYR B 86 27.67 2.30 -9.95
N VAL B 87 27.19 1.09 -9.70
CA VAL B 87 28.04 0.02 -9.18
C VAL B 87 28.98 -0.48 -10.26
N GLU B 88 30.26 -0.62 -9.90
CA GLU B 88 31.27 -1.23 -10.76
C GLU B 88 31.67 -2.58 -10.19
N ASP B 89 32.41 -3.35 -10.99
CA ASP B 89 32.95 -4.61 -10.53
C ASP B 89 34.20 -4.35 -9.69
N ASP B 90 34.77 -5.42 -9.13
CA ASP B 90 35.88 -5.26 -8.20
C ASP B 90 37.11 -4.65 -8.85
N ASP B 91 37.29 -4.86 -10.16
CA ASP B 91 38.47 -4.38 -10.86
C ASP B 91 38.20 -3.09 -11.64
N ASN B 92 37.05 -2.46 -11.42
CA ASN B 92 36.71 -1.17 -12.03
C ASN B 92 36.73 -1.24 -13.56
N MET B 93 36.20 -2.34 -14.10
CA MET B 93 36.16 -2.54 -15.54
C MET B 93 34.75 -2.46 -16.12
N PHE B 94 33.75 -2.92 -15.39
CA PHE B 94 32.36 -2.89 -15.84
C PHE B 94 31.52 -2.11 -14.84
N ARG B 95 30.57 -1.33 -15.36
CA ARG B 95 29.64 -0.58 -14.53
C ARG B 95 28.24 -0.78 -15.08
N PHE B 96 27.27 -0.92 -14.17
CA PHE B 96 25.90 -1.20 -14.56
C PHE B 96 25.36 -0.12 -15.49
N ASP B 97 24.49 -0.54 -16.41
CA ASP B 97 23.91 0.36 -17.40
C ASP B 97 22.39 0.16 -17.44
N TYR B 98 21.73 0.48 -16.33
CA TYR B 98 20.28 0.36 -16.23
C TYR B 98 19.60 1.25 -17.26
N SER B 99 18.84 0.63 -18.16
CA SER B 99 18.12 1.39 -19.17
C SER B 99 17.01 2.22 -18.51
N PRO B 100 16.64 3.36 -19.12
CA PRO B 100 15.53 4.15 -18.57
C PRO B 100 14.23 3.36 -18.48
N GLU B 101 13.92 2.59 -19.52
CA GLU B 101 12.71 1.76 -19.50
C GLU B 101 12.77 0.71 -18.41
N PHE B 102 13.95 0.18 -18.13
CA PHE B 102 14.11 -0.75 -17.01
C PHE B 102 13.87 -0.05 -15.69
N LEU B 103 14.31 1.20 -15.57
CA LEU B 103 14.14 1.92 -14.31
C LEU B 103 12.68 2.18 -14.01
N LEU B 104 11.91 2.58 -15.03
CA LEU B 104 10.45 2.68 -14.87
C LEU B 104 9.86 1.37 -14.36
N TRP B 105 10.32 0.25 -14.91
CA TRP B 105 9.79 -1.04 -14.50
C TRP B 105 10.12 -1.34 -13.04
N ALA B 106 11.34 -1.02 -12.61
CA ALA B 106 11.76 -1.40 -11.27
C ALA B 106 11.32 -0.38 -10.23
N LEU B 107 11.09 0.87 -10.63
CA LEU B 107 10.78 1.92 -9.68
C LEU B 107 9.31 2.33 -9.68
N ARG B 108 8.48 1.75 -10.55
CA ARG B 108 7.04 2.02 -10.55
C ARG B 108 6.21 0.73 -10.53
N PRO B 109 6.42 -0.13 -9.54
CA PRO B 109 5.54 -1.28 -9.37
C PRO B 109 4.26 -0.84 -8.68
N PRO B 110 3.26 -1.72 -8.56
CA PRO B 110 2.05 -1.36 -7.83
C PRO B 110 2.38 -0.86 -6.43
N GLY B 111 1.88 0.35 -6.11
CA GLY B 111 2.06 0.93 -4.81
C GLY B 111 3.20 1.91 -4.68
N TRP B 112 3.84 2.30 -5.77
CA TRP B 112 4.98 3.20 -5.69
C TRP B 112 4.52 4.59 -5.26
N LEU B 113 5.47 5.36 -4.73
CA LEU B 113 5.23 6.72 -4.30
C LEU B 113 6.32 7.62 -4.87
N PRO B 114 5.97 8.76 -5.47
CA PRO B 114 7.01 9.62 -6.05
C PRO B 114 7.99 10.19 -5.03
N GLN B 115 7.57 10.36 -3.77
CA GLN B 115 8.50 10.82 -2.76
C GLN B 115 9.49 9.74 -2.34
N TRP B 116 9.21 8.47 -2.65
CA TRP B 116 10.17 7.40 -2.43
C TRP B 116 11.20 7.31 -3.54
N HIS B 117 11.12 8.18 -4.55
CA HIS B 117 12.22 8.39 -5.50
C HIS B 117 13.02 9.59 -5.00
N CYS B 118 13.90 9.32 -4.03
CA CYS B 118 14.59 10.36 -3.30
C CYS B 118 15.86 10.76 -4.06
N GLY B 119 15.87 11.97 -4.60
CA GLY B 119 17.02 12.48 -5.34
C GLY B 119 17.66 13.70 -4.71
N VAL B 120 18.94 13.92 -4.99
CA VAL B 120 19.69 15.07 -4.51
C VAL B 120 20.15 15.88 -5.71
N ARG B 121 19.93 17.18 -5.67
CA ARG B 121 20.32 18.07 -6.75
C ARG B 121 21.21 19.20 -6.22
N VAL B 122 22.16 19.62 -7.06
CA VAL B 122 22.94 20.81 -6.76
C VAL B 122 22.02 22.03 -6.85
N VAL B 123 22.07 22.89 -5.83
CA VAL B 123 21.15 24.02 -5.77
C VAL B 123 21.34 24.94 -6.96
N SER B 124 22.60 25.23 -7.30
CA SER B 124 22.87 26.19 -8.37
C SER B 124 22.61 25.58 -9.74
N SER B 125 23.27 24.48 -10.07
CA SER B 125 23.22 23.91 -11.41
C SER B 125 22.04 22.97 -11.65
N ARG B 126 21.35 22.53 -10.60
CA ARG B 126 20.26 21.53 -10.67
C ARG B 126 20.74 20.17 -11.16
N LYS B 127 22.04 19.89 -11.04
CA LYS B 127 22.60 18.62 -11.46
C LYS B 127 22.23 17.53 -10.46
N LEU B 128 21.71 16.42 -10.95
CA LEU B 128 21.37 15.29 -10.09
C LEU B 128 22.64 14.59 -9.65
N VAL B 129 22.83 14.45 -8.34
CA VAL B 129 24.12 14.01 -7.81
C VAL B 129 23.97 12.92 -6.76
N GLY B 130 22.74 12.62 -6.38
CA GLY B 130 22.50 11.57 -5.41
C GLY B 130 21.15 10.95 -5.62
N PHE B 131 21.01 9.68 -5.24
CA PHE B 131 19.73 9.00 -5.42
C PHE B 131 19.64 7.80 -4.49
N ILE B 132 18.40 7.50 -4.11
CA ILE B 132 18.05 6.27 -3.40
C ILE B 132 16.54 6.11 -3.55
N SER B 133 16.07 4.86 -3.55
CA SER B 133 14.67 4.60 -3.85
C SER B 133 14.09 3.58 -2.89
N ALA B 134 12.77 3.55 -2.83
CA ALA B 134 12.06 2.57 -2.03
C ALA B 134 10.77 2.18 -2.76
N ILE B 135 10.57 0.87 -2.93
CA ILE B 135 9.30 0.38 -3.46
C ILE B 135 8.66 -0.49 -2.39
N PRO B 136 7.34 -0.50 -2.25
CA PRO B 136 6.72 -1.35 -1.25
C PRO B 136 6.74 -2.80 -1.69
N ALA B 137 6.78 -3.69 -0.70
CA ALA B 137 6.79 -5.12 -0.98
C ALA B 137 6.30 -5.87 0.26
N ASN B 138 5.54 -6.93 0.02
CA ASN B 138 5.11 -7.83 1.09
C ASN B 138 6.13 -8.96 1.19
N ILE B 139 6.92 -8.95 2.26
CA ILE B 139 8.03 -9.89 2.42
C ILE B 139 7.63 -10.94 3.43
N HIS B 140 8.00 -12.20 3.14
CA HIS B 140 7.79 -13.31 4.06
C HIS B 140 9.13 -13.75 4.61
N ILE B 141 9.30 -13.66 5.93
CA ILE B 141 10.55 -14.01 6.59
C ILE B 141 10.22 -15.01 7.69
N TYR B 142 10.60 -16.27 7.50
CA TYR B 142 10.31 -17.37 8.42
C TYR B 142 8.80 -17.46 8.59
N ASP B 143 8.27 -17.38 9.81
CA ASP B 143 6.83 -17.50 10.04
C ASP B 143 6.17 -16.13 10.22
N THR B 144 6.66 -15.11 9.53
CA THR B 144 6.11 -13.77 9.63
C THR B 144 6.03 -13.14 8.24
N GLU B 145 4.89 -12.55 7.93
CA GLU B 145 4.71 -11.76 6.72
C GLU B 145 4.50 -10.30 7.11
N LYS B 146 5.24 -9.41 6.47
CA LYS B 146 5.22 -8.01 6.86
C LYS B 146 5.34 -7.11 5.64
N LYS B 147 4.65 -5.97 5.70
CA LYS B 147 4.80 -4.94 4.68
C LYS B 147 6.13 -4.24 4.89
N MET B 148 7.00 -4.32 3.89
CA MET B 148 8.31 -3.68 3.94
C MET B 148 8.50 -2.86 2.68
N VAL B 149 9.65 -2.21 2.58
CA VAL B 149 10.08 -1.54 1.37
C VAL B 149 11.38 -2.19 0.91
N GLU B 150 11.58 -2.21 -0.41
CA GLU B 150 12.85 -2.63 -0.98
C GLU B 150 13.65 -1.39 -1.33
N ILE B 151 14.89 -1.32 -0.83
CA ILE B 151 15.78 -0.21 -1.07
C ILE B 151 16.73 -0.59 -2.19
N ASN B 152 16.91 0.31 -3.15
CA ASN B 152 17.75 0.04 -4.31
C ASN B 152 18.30 1.35 -4.84
N PHE B 153 19.33 1.24 -5.67
CA PHE B 153 19.87 2.37 -6.44
C PHE B 153 20.42 3.47 -5.55
N LEU B 154 21.09 3.08 -4.46
CA LEU B 154 21.85 4.06 -3.69
C LEU B 154 23.04 4.48 -4.51
N CYS B 155 23.01 5.72 -5.01
CA CYS B 155 24.08 6.21 -5.89
C CYS B 155 24.41 7.64 -5.54
N VAL B 156 25.69 7.90 -5.32
CA VAL B 156 26.22 9.25 -5.10
C VAL B 156 27.22 9.54 -6.20
N HIS B 157 27.14 10.75 -6.77
CA HIS B 157 28.09 11.18 -7.78
C HIS B 157 29.51 11.03 -7.27
N LYS B 158 30.41 10.57 -8.14
CA LYS B 158 31.78 10.28 -7.73
C LYS B 158 32.46 11.50 -7.13
N LYS B 159 32.05 12.70 -7.54
CA LYS B 159 32.71 13.91 -7.07
C LYS B 159 32.47 14.13 -5.58
N LEU B 160 31.21 14.13 -5.14
CA LEU B 160 30.88 14.46 -3.76
C LEU B 160 30.71 13.23 -2.88
N ARG B 161 31.43 12.15 -3.15
CA ARG B 161 31.45 11.02 -2.24
C ARG B 161 32.25 11.31 -0.98
N SER B 162 32.74 12.54 -0.81
CA SER B 162 33.57 12.92 0.31
C SER B 162 32.81 13.67 1.39
N LYS B 163 31.50 13.88 1.21
CA LYS B 163 30.71 14.67 2.13
C LYS B 163 29.68 13.83 2.89
N ARG B 164 30.00 12.56 3.13
CA ARG B 164 29.14 11.59 3.82
C ARG B 164 27.67 11.74 3.42
N VAL B 165 27.43 11.76 2.11
CA VAL B 165 26.07 11.95 1.61
C VAL B 165 25.26 10.66 1.74
N ALA B 166 25.90 9.51 1.53
CA ALA B 166 25.17 8.24 1.61
C ALA B 166 24.49 8.01 2.95
N PRO B 167 25.09 8.30 4.11
CA PRO B 167 24.35 8.14 5.37
C PRO B 167 23.11 9.02 5.46
N VAL B 168 23.09 10.16 4.77
CA VAL B 168 21.92 11.03 4.84
C VAL B 168 20.85 10.58 3.87
N LEU B 169 21.25 10.00 2.73
CA LEU B 169 20.26 9.39 1.83
C LEU B 169 19.53 8.24 2.50
N ILE B 170 20.23 7.49 3.36
CA ILE B 170 19.59 6.38 4.07
C ILE B 170 18.62 6.89 5.13
N ARG B 171 19.02 7.89 5.91
CA ARG B 171 18.14 8.43 6.93
C ARG B 171 16.92 9.11 6.32
N GLU B 172 17.11 9.77 5.17
CA GLU B 172 15.98 10.48 4.56
C GLU B 172 14.96 9.50 4.01
N ILE B 173 15.41 8.47 3.30
CA ILE B 173 14.46 7.48 2.79
C ILE B 173 13.82 6.71 3.94
N THR B 174 14.57 6.45 5.02
CA THR B 174 13.98 5.81 6.19
C THR B 174 12.88 6.68 6.78
N ARG B 175 13.09 8.00 6.81
CA ARG B 175 12.08 8.90 7.34
C ARG B 175 10.86 8.94 6.44
N ARG B 176 11.06 9.03 5.12
CA ARG B 176 9.94 9.06 4.19
C ARG B 176 9.18 7.74 4.18
N VAL B 177 9.87 6.62 4.44
CA VAL B 177 9.17 5.33 4.57
C VAL B 177 8.41 5.26 5.89
N HIS B 178 9.00 5.81 6.97
CA HIS B 178 8.31 5.84 8.24
C HIS B 178 7.02 6.64 8.17
N LEU B 179 7.01 7.74 7.39
CA LEU B 179 5.81 8.56 7.29
C LEU B 179 4.62 7.77 6.78
N GLU B 180 4.86 6.69 6.04
CA GLU B 180 3.82 5.85 5.48
C GLU B 180 3.51 4.63 6.33
N GLY B 181 4.06 4.54 7.54
CA GLY B 181 3.73 3.48 8.46
C GLY B 181 4.48 2.19 8.28
N ILE B 182 5.59 2.19 7.55
CA ILE B 182 6.40 1.00 7.30
C ILE B 182 7.71 1.15 8.07
N PHE B 183 8.12 0.09 8.75
CA PHE B 183 9.28 0.17 9.64
C PHE B 183 10.30 -0.92 9.41
N GLN B 184 10.12 -1.76 8.40
CA GLN B 184 11.10 -2.77 8.00
C GLN B 184 11.45 -2.61 6.53
N ALA B 185 12.63 -3.10 6.16
CA ALA B 185 13.08 -2.99 4.78
C ALA B 185 14.05 -4.12 4.46
N VAL B 186 14.04 -4.54 3.21
CA VAL B 186 14.97 -5.55 2.70
C VAL B 186 15.82 -4.89 1.62
N TYR B 187 17.10 -5.25 1.58
CA TYR B 187 18.01 -4.70 0.58
C TYR B 187 19.22 -5.62 0.45
N THR B 188 19.94 -5.45 -0.66
CA THR B 188 21.14 -6.22 -0.92
C THR B 188 22.33 -5.27 -1.07
N ALA B 189 23.53 -5.84 -0.95
CA ALA B 189 24.75 -5.06 -1.13
C ALA B 189 25.88 -6.02 -1.46
N GLY B 190 26.87 -5.50 -2.21
CA GLY B 190 28.05 -6.28 -2.51
C GLY B 190 29.05 -6.37 -1.38
N VAL B 191 28.94 -5.48 -0.39
CA VAL B 191 29.87 -5.42 0.72
C VAL B 191 29.21 -6.00 1.96
N VAL B 192 30.04 -6.30 2.96
CA VAL B 192 29.57 -6.85 4.22
C VAL B 192 29.20 -5.71 5.16
N LEU B 193 27.99 -5.76 5.69
CA LEU B 193 27.46 -4.79 6.63
C LEU B 193 26.83 -5.54 7.80
N PRO B 194 26.59 -4.85 8.92
CA PRO B 194 25.76 -5.50 9.94
C PRO B 194 24.29 -5.45 9.55
N LYS B 195 23.63 -6.60 9.38
CA LYS B 195 24.24 -7.92 9.47
C LYS B 195 23.58 -8.82 8.43
N PRO B 196 24.37 -9.64 7.73
CA PRO B 196 23.80 -10.43 6.62
C PRO B 196 22.80 -11.46 7.11
N VAL B 197 21.62 -11.47 6.50
CA VAL B 197 20.66 -12.54 6.74
C VAL B 197 20.88 -13.70 5.79
N GLY B 198 21.57 -13.46 4.67
CA GLY B 198 21.87 -14.51 3.71
C GLY B 198 22.96 -14.08 2.76
N THR B 199 23.92 -14.96 2.50
CA THR B 199 25.07 -14.66 1.65
C THR B 199 24.97 -15.50 0.39
N CYS B 200 24.91 -14.83 -0.77
CA CYS B 200 24.79 -15.48 -2.05
C CYS B 200 25.98 -15.12 -2.94
N ARG B 201 26.27 -16.00 -3.89
CA ARG B 201 27.39 -15.83 -4.80
C ARG B 201 26.87 -15.86 -6.23
N TYR B 202 27.28 -14.88 -7.03
CA TYR B 202 26.89 -14.87 -8.43
C TYR B 202 27.67 -15.92 -9.21
N TRP B 203 26.99 -16.59 -10.14
CA TRP B 203 27.59 -17.52 -11.09
C TRP B 203 27.27 -17.05 -12.50
N HIS B 204 28.16 -17.34 -13.45
CA HIS B 204 28.05 -16.82 -14.79
C HIS B 204 28.14 -17.95 -15.80
N ARG B 205 27.27 -17.90 -16.81
CA ARG B 205 27.24 -18.88 -17.90
C ARG B 205 27.60 -18.14 -19.18
N SER B 206 28.75 -18.45 -19.75
CA SER B 206 29.21 -17.79 -20.96
C SER B 206 28.30 -18.17 -22.13
N LEU B 207 27.80 -17.15 -22.83
CA LEU B 207 27.05 -17.34 -24.07
C LEU B 207 27.83 -16.87 -25.29
N ASN B 208 28.59 -15.79 -25.15
CA ASN B 208 29.50 -15.29 -26.19
C ASN B 208 30.91 -15.37 -25.61
N PRO B 209 31.49 -16.57 -25.55
CA PRO B 209 32.75 -16.74 -24.80
C PRO B 209 33.91 -15.97 -25.38
N ARG B 210 33.96 -15.80 -26.70
CA ARG B 210 35.04 -15.01 -27.29
C ARG B 210 35.00 -13.56 -26.80
N LYS B 211 33.80 -12.97 -26.75
CA LYS B 211 33.70 -11.58 -26.32
C LYS B 211 34.01 -11.43 -24.83
N LEU B 212 33.60 -12.40 -24.02
CA LEU B 212 33.86 -12.32 -22.58
C LEU B 212 35.35 -12.40 -22.27
N ILE B 213 36.10 -13.15 -23.08
CA ILE B 213 37.52 -13.30 -22.86
C ILE B 213 38.29 -12.08 -23.37
N GLU B 214 37.95 -11.63 -24.58
CA GLU B 214 38.61 -10.45 -25.15
C GLU B 214 38.38 -9.22 -24.29
N VAL B 215 37.20 -9.11 -23.67
CA VAL B 215 36.87 -7.95 -22.86
C VAL B 215 37.28 -8.12 -21.40
N LYS B 216 37.84 -9.28 -21.04
CA LYS B 216 38.38 -9.61 -19.73
C LYS B 216 37.30 -9.85 -18.68
N PHE B 217 36.03 -9.94 -19.10
CA PHE B 217 35.01 -10.51 -18.23
C PHE B 217 35.35 -11.95 -17.87
N SER B 218 35.97 -12.67 -18.81
CA SER B 218 36.38 -14.06 -18.63
C SER B 218 37.86 -14.20 -19.00
N HIS B 219 38.45 -15.32 -18.60
CA HIS B 219 39.83 -15.63 -18.89
C HIS B 219 39.93 -17.02 -19.53
N LEU B 220 40.71 -17.11 -20.60
CA LEU B 220 40.93 -18.36 -21.32
C LEU B 220 42.09 -19.11 -20.66
N SER B 221 41.74 -19.84 -19.60
CA SER B 221 42.72 -20.54 -18.76
C SER B 221 43.77 -21.32 -19.54
N ASN B 223 46.80 -23.25 -21.12
CA ASN B 223 45.94 -24.41 -21.35
C ASN B 223 44.90 -24.13 -22.43
N MET B 224 43.65 -23.92 -21.99
CA MET B 224 42.50 -23.91 -22.87
C MET B 224 42.72 -23.06 -24.11
N THR B 225 42.23 -23.57 -25.24
CA THR B 225 42.26 -22.86 -26.51
C THR B 225 40.93 -22.14 -26.73
N MET B 226 40.99 -21.09 -27.56
CA MET B 226 39.77 -20.36 -27.93
C MET B 226 38.79 -21.27 -28.66
N GLN B 227 39.30 -22.17 -29.49
CA GLN B 227 38.41 -23.07 -30.23
C GLN B 227 37.67 -24.02 -29.29
N ARG B 228 38.36 -24.50 -28.26
CA ARG B 228 37.72 -25.41 -27.30
C ARG B 228 36.62 -24.69 -26.52
N THR B 229 36.93 -23.48 -26.03
CA THR B 229 35.97 -22.72 -25.25
C THR B 229 34.71 -22.40 -26.06
N MET B 230 34.83 -22.32 -27.38
CA MET B 230 33.64 -22.07 -28.20
C MET B 230 32.80 -23.34 -28.38
N LYS B 231 33.46 -24.50 -28.50
CA LYS B 231 32.72 -25.74 -28.57
C LYS B 231 32.19 -26.15 -27.20
N LEU B 232 32.85 -25.69 -26.13
CA LEU B 232 32.37 -25.98 -24.78
C LEU B 232 31.03 -25.29 -24.52
N TYR B 233 30.99 -23.97 -24.68
CA TYR B 233 29.81 -23.18 -24.39
C TYR B 233 28.85 -23.10 -25.57
N ARG B 234 29.06 -23.91 -26.61
CA ARG B 234 28.11 -24.01 -27.71
C ARG B 234 26.78 -24.56 -27.19
N LEU B 235 25.69 -23.99 -27.67
CA LEU B 235 24.35 -24.31 -27.23
C LEU B 235 23.49 -24.81 -28.38
N PRO B 236 22.41 -25.52 -28.10
CA PRO B 236 21.45 -25.87 -29.16
C PRO B 236 20.85 -24.63 -29.81
N GLU B 237 20.13 -24.85 -30.90
CA GLU B 237 19.52 -23.77 -31.65
C GLU B 237 18.06 -23.55 -31.29
N THR B 238 17.46 -24.44 -30.50
CA THR B 238 16.05 -24.37 -30.15
C THR B 238 15.86 -24.96 -28.76
N PRO B 239 15.01 -24.34 -27.93
CA PRO B 239 14.67 -24.97 -26.64
C PRO B 239 14.04 -26.33 -26.85
N LYS B 240 14.33 -27.25 -25.94
CA LYS B 240 13.92 -28.64 -26.07
C LYS B 240 12.60 -28.96 -25.37
N THR B 241 12.05 -28.04 -24.57
CA THR B 241 10.84 -28.34 -23.81
C THR B 241 9.60 -28.25 -24.68
N ALA B 242 8.69 -29.20 -24.48
CA ALA B 242 7.41 -29.20 -25.18
C ALA B 242 6.51 -28.09 -24.64
N GLY B 243 6.04 -27.23 -25.54
CA GLY B 243 5.06 -26.23 -25.15
C GLY B 243 5.62 -24.96 -24.56
N LEU B 244 6.92 -24.73 -24.68
CA LEU B 244 7.50 -23.48 -24.19
C LEU B 244 7.06 -22.33 -25.09
N ARG B 245 6.57 -21.26 -24.48
CA ARG B 245 6.07 -20.13 -25.24
C ARG B 245 6.11 -18.90 -24.35
N PRO B 246 6.17 -17.70 -24.93
CA PRO B 246 6.19 -16.48 -24.12
C PRO B 246 4.94 -16.37 -23.25
N MET B 247 5.08 -15.64 -22.15
CA MET B 247 3.95 -15.44 -21.25
C MET B 247 2.95 -14.46 -21.87
N GLU B 248 1.67 -14.73 -21.67
CA GLU B 248 0.61 -13.86 -22.15
C GLU B 248 -0.29 -13.46 -20.98
N THR B 249 -1.22 -12.54 -21.27
CA THR B 249 -2.10 -12.03 -20.23
C THR B 249 -2.90 -13.15 -19.57
N LYS B 250 -3.35 -14.12 -20.37
CA LYS B 250 -4.15 -15.22 -19.83
C LYS B 250 -3.40 -16.06 -18.80
N ASP B 251 -2.07 -15.98 -18.78
CA ASP B 251 -1.28 -16.80 -17.88
C ASP B 251 -1.03 -16.14 -16.53
N ILE B 252 -1.46 -14.89 -16.34
CA ILE B 252 -1.18 -14.20 -15.07
C ILE B 252 -1.73 -14.93 -13.87
N PRO B 253 -3.00 -15.40 -13.86
CA PRO B 253 -3.47 -16.13 -12.68
C PRO B 253 -2.67 -17.39 -12.39
N VAL B 254 -2.38 -18.20 -13.41
CA VAL B 254 -1.69 -19.46 -13.13
C VAL B 254 -0.22 -19.20 -12.81
N VAL B 255 0.38 -18.14 -13.34
CA VAL B 255 1.75 -17.79 -12.97
C VAL B 255 1.80 -17.34 -11.51
N HIS B 256 0.83 -16.52 -11.10
CA HIS B 256 0.72 -16.13 -9.70
C HIS B 256 0.54 -17.34 -8.80
N GLN B 257 -0.24 -18.33 -9.25
CA GLN B 257 -0.45 -19.52 -8.45
C GLN B 257 0.84 -20.33 -8.33
N LEU B 258 1.50 -20.59 -9.46
CA LEU B 258 2.70 -21.41 -9.43
C LEU B 258 3.81 -20.74 -8.61
N LEU B 259 3.97 -19.43 -8.75
CA LEU B 259 5.01 -18.73 -8.01
C LEU B 259 4.77 -18.80 -6.51
N THR B 260 3.52 -18.60 -6.09
CA THR B 260 3.21 -18.59 -4.66
C THR B 260 3.43 -19.96 -4.04
N ARG B 261 2.98 -21.03 -4.70
CA ARG B 261 3.15 -22.36 -4.15
C ARG B 261 4.60 -22.78 -4.13
N TYR B 262 5.35 -22.42 -5.18
CA TYR B 262 6.76 -22.81 -5.25
C TYR B 262 7.60 -22.07 -4.21
N LEU B 263 7.31 -20.79 -3.98
CA LEU B 263 8.11 -19.98 -3.07
C LEU B 263 7.95 -20.39 -1.61
N LYS B 264 6.93 -21.17 -1.28
CA LYS B 264 6.63 -21.43 0.13
C LYS B 264 7.64 -22.37 0.80
N GLN B 265 8.67 -22.83 0.09
CA GLN B 265 9.67 -23.70 0.67
C GLN B 265 10.90 -22.96 1.18
N PHE B 266 11.04 -21.68 0.85
CA PHE B 266 12.17 -20.88 1.29
C PHE B 266 11.76 -20.01 2.47
N HIS B 267 12.75 -19.36 3.08
CA HIS B 267 12.51 -18.59 4.29
C HIS B 267 12.44 -17.09 4.06
N LEU B 268 13.01 -16.58 2.97
CA LEU B 268 12.94 -15.16 2.63
C LEU B 268 12.35 -15.04 1.22
N THR B 269 11.05 -14.80 1.14
CA THR B 269 10.35 -14.75 -0.13
C THR B 269 9.45 -13.52 -0.20
N PRO B 270 9.18 -13.03 -1.40
CA PRO B 270 8.14 -12.01 -1.56
C PRO B 270 6.77 -12.65 -1.64
N VAL B 271 5.76 -11.85 -1.28
CA VAL B 271 4.36 -12.25 -1.34
C VAL B 271 3.69 -11.31 -2.32
N MET B 272 3.54 -11.74 -3.57
CA MET B 272 3.05 -10.88 -4.63
C MET B 272 1.54 -11.02 -4.80
N SER B 273 0.87 -9.89 -5.01
CA SER B 273 -0.50 -9.90 -5.46
C SER B 273 -0.54 -10.25 -6.95
N GLN B 274 -1.75 -10.43 -7.48
CA GLN B 274 -1.86 -10.75 -8.89
C GLN B 274 -1.46 -9.58 -9.77
N GLU B 275 -1.65 -8.35 -9.29
CA GLU B 275 -1.18 -7.19 -10.03
C GLU B 275 0.35 -7.13 -10.06
N GLU B 276 0.99 -7.44 -8.93
CA GLU B 276 2.45 -7.44 -8.89
C GLU B 276 3.04 -8.57 -9.73
N VAL B 277 2.36 -9.72 -9.78
CA VAL B 277 2.82 -10.80 -10.65
C VAL B 277 2.81 -10.34 -12.09
N GLU B 278 1.74 -9.65 -12.51
CA GLU B 278 1.68 -9.13 -13.86
C GLU B 278 2.82 -8.13 -14.12
N HIS B 279 3.09 -7.26 -13.16
CA HIS B 279 4.09 -6.23 -13.36
C HIS B 279 5.49 -6.82 -13.51
N TRP B 280 5.83 -7.79 -12.65
CA TRP B 280 7.19 -8.31 -12.61
C TRP B 280 7.46 -9.41 -13.64
N PHE B 281 6.43 -9.95 -14.29
CA PHE B 281 6.68 -11.11 -15.15
C PHE B 281 6.16 -10.93 -16.57
N TYR B 282 5.12 -10.15 -16.79
CA TYR B 282 4.59 -10.00 -18.13
C TYR B 282 5.68 -9.45 -19.06
N PRO B 283 5.92 -10.07 -20.21
CA PRO B 283 7.13 -9.75 -20.97
C PRO B 283 7.13 -8.32 -21.51
N GLN B 284 8.29 -7.67 -21.35
CA GLN B 284 8.58 -6.42 -22.01
C GLN B 284 9.96 -6.53 -22.65
N GLU B 285 10.08 -6.06 -23.89
CA GLU B 285 11.33 -6.20 -24.62
C GLU B 285 12.44 -5.41 -23.93
N ASN B 286 13.60 -6.04 -23.80
CA ASN B 286 14.80 -5.45 -23.20
C ASN B 286 14.63 -5.14 -21.72
N ILE B 287 13.63 -5.73 -21.08
CA ILE B 287 13.41 -5.50 -19.66
C ILE B 287 13.27 -6.84 -18.94
N ILE B 288 12.20 -7.57 -19.24
CA ILE B 288 11.91 -8.83 -18.56
C ILE B 288 11.36 -9.81 -19.59
N ASP B 289 11.81 -11.06 -19.51
CA ASP B 289 11.33 -12.14 -20.37
C ASP B 289 10.75 -13.24 -19.49
N THR B 290 9.59 -13.76 -19.89
CA THR B 290 8.95 -14.85 -19.16
C THR B 290 8.36 -15.83 -20.17
N PHE B 291 8.74 -17.09 -20.04
CA PHE B 291 8.27 -18.15 -20.90
C PHE B 291 7.59 -19.21 -20.04
N VAL B 292 6.41 -19.65 -20.47
CA VAL B 292 5.66 -20.65 -19.73
C VAL B 292 5.65 -21.96 -20.51
N VAL B 293 5.41 -23.05 -19.79
CA VAL B 293 5.28 -24.38 -20.36
C VAL B 293 3.81 -24.78 -20.29
N GLU B 294 3.14 -24.79 -21.44
CA GLU B 294 1.76 -25.23 -21.56
C GLU B 294 1.78 -26.65 -22.12
N ASN B 295 1.32 -27.62 -21.34
CA ASN B 295 1.47 -29.03 -21.70
C ASN B 295 0.38 -29.45 -22.70
N ALA B 296 0.27 -30.75 -22.94
CA ALA B 296 -0.68 -31.26 -23.93
C ALA B 296 -2.13 -31.11 -23.49
N ASN B 297 -2.38 -30.94 -22.19
CA ASN B 297 -3.73 -30.68 -21.71
C ASN B 297 -4.09 -29.20 -21.73
N GLY B 298 -3.16 -28.33 -22.09
CA GLY B 298 -3.40 -26.91 -22.10
C GLY B 298 -3.20 -26.22 -20.77
N GLU B 299 -2.43 -26.81 -19.87
CA GLU B 299 -2.23 -26.28 -18.52
C GLU B 299 -0.80 -25.79 -18.37
N VAL B 300 -0.65 -24.57 -17.87
CA VAL B 300 0.67 -24.05 -17.57
C VAL B 300 1.19 -24.74 -16.31
N THR B 301 2.34 -25.40 -16.44
CA THR B 301 2.92 -26.19 -15.35
C THR B 301 4.28 -25.69 -14.89
N ASP B 302 5.04 -25.03 -15.76
CA ASP B 302 6.33 -24.47 -15.39
C ASP B 302 6.49 -23.11 -16.06
N PHE B 303 7.47 -22.35 -15.58
CA PHE B 303 7.84 -21.14 -16.30
C PHE B 303 9.25 -20.72 -15.89
N LEU B 304 9.91 -20.00 -16.80
CA LEU B 304 11.22 -19.43 -16.57
C LEU B 304 11.14 -17.93 -16.80
N SER B 305 12.04 -17.19 -16.16
CA SER B 305 12.06 -15.75 -16.32
C SER B 305 13.47 -15.23 -16.09
N PHE B 306 13.84 -14.21 -16.86
CA PHE B 306 15.10 -13.52 -16.65
C PHE B 306 14.95 -12.08 -17.13
N TYR B 307 15.60 -11.15 -16.43
CA TYR B 307 15.54 -9.76 -16.81
C TYR B 307 16.85 -9.32 -17.47
N THR B 308 16.80 -8.14 -18.09
CA THR B 308 17.91 -7.61 -18.88
C THR B 308 18.62 -6.51 -18.10
N LEU B 309 19.91 -6.70 -17.85
CA LEU B 309 20.72 -5.71 -17.14
C LEU B 309 22.10 -5.65 -17.77
N PRO B 310 22.29 -4.78 -18.75
CA PRO B 310 23.60 -4.65 -19.39
C PRO B 310 24.54 -3.79 -18.56
N SER B 311 25.84 -3.96 -18.81
CA SER B 311 26.87 -3.17 -18.17
C SER B 311 27.63 -2.35 -19.20
N THR B 312 28.29 -1.31 -18.71
CA THR B 312 29.20 -0.51 -19.53
C THR B 312 30.58 -1.13 -19.46
N ILE B 313 31.23 -1.26 -20.61
CA ILE B 313 32.60 -1.76 -20.70
C ILE B 313 33.50 -0.54 -20.78
N MET B 314 34.18 -0.23 -19.67
CA MET B 314 34.92 1.01 -19.57
C MET B 314 36.30 0.89 -20.18
N ASN B 315 36.75 1.98 -20.82
CA ASN B 315 38.12 2.11 -21.32
C ASN B 315 38.47 1.05 -22.35
N HIS B 316 37.49 0.65 -23.17
CA HIS B 316 37.79 -0.28 -24.26
C HIS B 316 37.47 0.39 -25.59
N PRO B 317 38.36 0.25 -26.59
CA PRO B 317 38.14 0.95 -27.86
C PRO B 317 37.03 0.34 -28.70
N THR B 318 36.91 -0.98 -28.71
CA THR B 318 35.99 -1.67 -29.61
C THR B 318 34.69 -2.06 -28.92
N HIS B 319 34.79 -2.84 -27.84
CA HIS B 319 33.61 -3.38 -27.16
C HIS B 319 33.15 -2.42 -26.08
N LYS B 320 31.88 -2.05 -26.13
CA LYS B 320 31.33 -0.98 -25.30
C LYS B 320 30.32 -1.44 -24.27
N SER B 321 29.51 -2.45 -24.56
CA SER B 321 28.46 -2.86 -23.65
C SER B 321 28.44 -4.37 -23.51
N LEU B 322 28.10 -4.83 -22.31
CA LEU B 322 28.04 -6.25 -21.98
C LEU B 322 26.57 -6.63 -21.84
N LYS B 323 26.02 -7.32 -22.85
CA LYS B 323 24.63 -7.73 -22.83
C LYS B 323 24.48 -8.89 -21.86
N ALA B 324 23.94 -8.61 -20.67
CA ALA B 324 23.83 -9.60 -19.61
C ALA B 324 22.36 -9.90 -19.29
N ALA B 325 22.06 -11.18 -19.10
CA ALA B 325 20.76 -11.63 -18.63
C ALA B 325 20.90 -12.15 -17.22
N TYR B 326 19.98 -11.76 -16.34
CA TYR B 326 19.97 -12.18 -14.95
C TYR B 326 18.78 -13.09 -14.71
N SER B 327 19.04 -14.30 -14.20
CA SER B 327 17.97 -15.20 -13.83
C SER B 327 17.04 -14.54 -12.81
N PHE B 328 15.73 -14.72 -13.00
CA PHE B 328 14.74 -14.04 -12.19
C PHE B 328 14.07 -15.09 -11.30
N TYR B 329 12.86 -15.54 -11.61
CA TYR B 329 12.21 -16.62 -10.88
C TYR B 329 11.93 -17.76 -11.83
N ASN B 330 12.28 -18.98 -11.43
CA ASN B 330 12.09 -20.17 -12.26
C ASN B 330 11.34 -21.22 -11.44
N VAL B 331 10.11 -21.49 -11.85
CA VAL B 331 9.20 -22.40 -11.12
C VAL B 331 9.02 -23.65 -11.96
N HIS B 332 9.15 -24.81 -11.33
CA HIS B 332 8.96 -26.09 -11.99
C HIS B 332 8.02 -26.95 -11.17
N THR B 333 7.13 -27.67 -11.86
CA THR B 333 6.23 -28.64 -11.25
C THR B 333 6.23 -29.96 -12.01
N GLN B 334 6.35 -29.93 -13.33
CA GLN B 334 6.42 -31.13 -14.15
C GLN B 334 7.69 -31.24 -14.98
N THR B 335 8.27 -30.13 -15.41
CA THR B 335 9.50 -30.11 -16.18
C THR B 335 10.70 -29.98 -15.25
N PRO B 336 11.75 -30.78 -15.44
CA PRO B 336 12.93 -30.65 -14.56
C PRO B 336 13.52 -29.25 -14.63
N LEU B 337 13.99 -28.78 -13.48
CA LEU B 337 14.60 -27.45 -13.43
C LEU B 337 15.82 -27.37 -14.32
N LEU B 338 16.56 -28.48 -14.46
CA LEU B 338 17.74 -28.50 -15.32
C LEU B 338 17.36 -28.25 -16.77
N ASP B 339 16.32 -28.92 -17.25
CA ASP B 339 15.84 -28.66 -18.60
C ASP B 339 15.19 -27.29 -18.72
N LEU B 340 14.55 -26.83 -17.65
CA LEU B 340 13.95 -25.50 -17.68
C LEU B 340 15.02 -24.43 -17.83
N MET B 341 16.11 -24.55 -17.08
CA MET B 341 17.19 -23.58 -17.19
C MET B 341 18.00 -23.79 -18.46
N SER B 342 18.05 -25.01 -18.97
CA SER B 342 18.70 -25.25 -20.25
C SER B 342 18.03 -24.45 -21.37
N ASP B 343 16.70 -24.37 -21.33
CA ASP B 343 15.99 -23.54 -22.32
C ASP B 343 16.25 -22.06 -22.10
N ALA B 344 16.47 -21.66 -20.84
CA ALA B 344 16.75 -20.26 -20.56
C ALA B 344 18.04 -19.82 -21.25
N LEU B 345 19.10 -20.62 -21.12
CA LEU B 345 20.36 -20.28 -21.78
C LEU B 345 20.20 -20.21 -23.29
N VAL B 346 19.40 -21.11 -23.86
CA VAL B 346 19.15 -21.08 -25.30
C VAL B 346 18.40 -19.82 -25.69
N LEU B 347 17.35 -19.49 -24.95
CA LEU B 347 16.58 -18.27 -25.25
C LEU B 347 17.44 -17.03 -25.04
N ALA B 348 18.29 -17.04 -24.02
CA ALA B 348 19.22 -15.94 -23.83
C ALA B 348 20.21 -15.85 -24.99
N LYS B 349 20.77 -17.00 -25.41
CA LYS B 349 21.67 -17.01 -26.56
C LYS B 349 20.95 -16.55 -27.81
N MET B 350 19.68 -16.94 -27.96
CA MET B 350 18.90 -16.53 -29.13
C MET B 350 18.79 -15.01 -29.21
N LYS B 351 18.57 -14.36 -28.08
CA LYS B 351 18.32 -12.91 -28.03
C LYS B 351 19.59 -12.09 -28.00
N GLY B 352 20.76 -12.70 -28.18
CA GLY B 352 21.99 -11.96 -28.30
C GLY B 352 22.69 -11.61 -27.00
N PHE B 353 22.33 -12.26 -25.91
CA PHE B 353 23.01 -12.02 -24.64
C PHE B 353 24.41 -12.63 -24.67
N ASP B 354 25.38 -11.90 -24.13
CA ASP B 354 26.75 -12.40 -24.05
C ASP B 354 26.94 -13.33 -22.87
N VAL B 355 26.14 -13.18 -21.82
CA VAL B 355 26.33 -13.94 -20.58
C VAL B 355 24.98 -14.05 -19.88
N PHE B 356 24.79 -15.19 -19.20
CA PHE B 356 23.60 -15.44 -18.40
C PHE B 356 24.05 -15.60 -16.95
N ASN B 357 23.58 -14.72 -16.09
CA ASN B 357 23.99 -14.70 -14.68
C ASN B 357 22.89 -15.29 -13.80
N ALA B 358 23.31 -15.88 -12.69
CA ALA B 358 22.39 -16.43 -11.70
C ALA B 358 23.11 -16.56 -10.37
N LEU B 359 22.35 -16.47 -9.29
CA LEU B 359 22.87 -16.65 -7.94
C LEU B 359 22.75 -18.12 -7.52
N ASP B 360 23.36 -18.43 -6.38
CA ASP B 360 23.30 -19.78 -5.82
C ASP B 360 22.15 -19.96 -4.85
N LEU B 361 21.17 -19.06 -4.86
CA LEU B 361 20.03 -19.18 -3.96
C LEU B 361 18.95 -20.08 -4.58
N MET B 362 17.87 -20.26 -3.84
CA MET B 362 16.82 -21.22 -4.20
C MET B 362 17.45 -22.57 -4.53
N GLU B 363 16.98 -23.19 -5.61
CA GLU B 363 17.49 -24.49 -6.03
C GLU B 363 18.55 -24.36 -7.12
N ASN B 364 19.23 -23.21 -7.20
CA ASN B 364 20.08 -22.96 -8.35
C ASN B 364 21.39 -23.72 -8.31
N LYS B 365 21.83 -24.19 -7.14
CA LYS B 365 23.05 -24.98 -7.09
C LYS B 365 22.88 -26.35 -7.71
N THR B 366 21.63 -26.78 -7.96
CA THR B 366 21.40 -28.10 -8.55
C THR B 366 21.71 -28.14 -10.04
N PHE B 367 21.80 -26.99 -10.70
CA PHE B 367 22.10 -26.94 -12.13
C PHE B 367 23.30 -26.08 -12.47
N LEU B 368 23.87 -25.36 -11.51
CA LEU B 368 24.90 -24.36 -11.83
C LEU B 368 26.09 -25.02 -12.50
N GLU B 369 26.66 -26.05 -11.87
CA GLU B 369 27.85 -26.68 -12.45
C GLU B 369 27.52 -27.55 -13.65
N LYS B 370 26.39 -28.27 -13.61
CA LYS B 370 26.04 -29.15 -14.72
C LYS B 370 25.78 -28.36 -16.00
N LEU B 371 25.19 -27.18 -15.88
CA LEU B 371 24.94 -26.32 -17.04
C LEU B 371 26.13 -25.44 -17.38
N LYS B 372 27.30 -25.72 -16.80
CA LYS B 372 28.56 -25.08 -17.18
C LYS B 372 28.61 -23.61 -16.77
N PHE B 373 27.99 -23.28 -15.64
CA PHE B 373 28.19 -21.96 -15.07
C PHE B 373 29.58 -21.85 -14.45
N GLY B 374 30.10 -20.64 -14.41
CA GLY B 374 31.35 -20.35 -13.73
C GLY B 374 31.10 -19.43 -12.55
N ILE B 375 31.76 -19.71 -11.43
CA ILE B 375 31.54 -18.92 -10.22
C ILE B 375 32.12 -17.52 -10.42
N GLY B 376 31.49 -16.53 -9.79
CA GLY B 376 31.89 -15.16 -9.92
C GLY B 376 32.74 -14.65 -8.76
N ASP B 377 33.29 -13.45 -8.95
CA ASP B 377 34.07 -12.82 -7.90
C ASP B 377 33.21 -12.07 -6.89
N GLY B 378 32.05 -11.58 -7.29
CA GLY B 378 31.20 -10.77 -6.44
C GLY B 378 30.11 -11.58 -5.78
N ASN B 379 29.91 -11.34 -4.49
CA ASN B 379 28.83 -11.94 -3.72
C ASN B 379 27.66 -10.96 -3.62
N LEU B 380 26.55 -11.47 -3.09
CA LEU B 380 25.37 -10.66 -2.85
C LEU B 380 24.87 -10.97 -1.45
N GLN B 381 25.03 -10.03 -0.52
CA GLN B 381 24.53 -10.19 0.83
C GLN B 381 23.13 -9.62 0.92
N TYR B 382 22.25 -10.34 1.61
CA TYR B 382 20.89 -9.87 1.87
C TYR B 382 20.80 -9.32 3.28
N TYR B 383 20.04 -8.24 3.44
CA TYR B 383 19.93 -7.56 4.72
C TYR B 383 18.48 -7.22 5.03
N LEU B 384 18.16 -7.18 6.32
CA LEU B 384 16.86 -6.77 6.81
C LEU B 384 17.05 -5.63 7.81
N TYR B 385 16.34 -4.53 7.58
CA TYR B 385 16.39 -3.37 8.47
C TYR B 385 15.31 -3.51 9.53
N ASN B 386 15.72 -3.40 10.80
CA ASN B 386 14.80 -3.41 11.94
C ASN B 386 14.05 -4.74 12.06
N TRP B 387 14.76 -5.84 11.84
CA TRP B 387 14.18 -7.17 12.05
C TRP B 387 15.30 -8.14 12.41
N LYS B 388 15.16 -8.80 13.56
CA LYS B 388 16.13 -9.80 14.00
C LYS B 388 15.60 -11.19 13.70
N CYS B 389 16.46 -12.01 13.11
CA CYS B 389 16.13 -13.39 12.79
C CYS B 389 17.41 -14.15 12.54
N PRO B 390 17.42 -15.47 12.71
CA PRO B 390 18.62 -16.24 12.37
C PRO B 390 18.88 -16.19 10.87
N SER B 391 20.15 -16.11 10.51
CA SER B 391 20.53 -16.10 9.11
C SER B 391 20.25 -17.47 8.48
N MET B 392 20.35 -17.52 7.15
CA MET B 392 20.00 -18.72 6.40
C MET B 392 21.00 -18.93 5.29
N GLY B 393 21.15 -20.20 4.88
CA GLY B 393 21.94 -20.50 3.70
C GLY B 393 21.27 -19.98 2.45
N ALA B 394 22.09 -19.86 1.39
CA ALA B 394 21.59 -19.29 0.14
C ALA B 394 20.40 -20.06 -0.40
N GLU B 395 20.41 -21.39 -0.26
CA GLU B 395 19.33 -22.23 -0.77
C GLU B 395 17.98 -21.88 -0.15
N LYS B 396 17.97 -21.20 0.99
CA LYS B 396 16.72 -20.80 1.63
C LYS B 396 16.32 -19.37 1.32
N VAL B 397 17.15 -18.62 0.58
CA VAL B 397 16.76 -17.29 0.12
C VAL B 397 15.97 -17.46 -1.17
N GLY B 398 14.74 -16.95 -1.17
CA GLY B 398 13.89 -17.02 -2.35
C GLY B 398 13.41 -15.66 -2.81
N LEU B 399 14.32 -14.69 -2.88
CA LEU B 399 13.99 -13.31 -3.21
C LEU B 399 15.04 -12.75 -4.17
N VAL B 400 14.58 -12.17 -5.27
CA VAL B 400 15.46 -11.59 -6.28
C VAL B 400 15.05 -10.14 -6.50
N LEU B 401 16.00 -9.23 -6.35
CA LEU B 401 15.76 -7.80 -6.53
C LEU B 401 16.31 -7.33 -7.87
N GLN B 402 15.74 -6.25 -8.38
CA GLN B 402 16.17 -5.67 -9.64
C GLN B 402 17.54 -5.04 -9.54
N GLY C 1 -22.35 1.33 3.63
CA GLY C 1 -22.93 2.67 3.55
C GLY C 1 -23.42 3.16 4.92
N LYS C 2 -23.19 4.56 5.17
CA LYS C 2 -23.67 5.22 6.37
C LYS C 2 -25.17 5.34 6.35
N SER C 3 -25.78 5.34 7.54
CA SER C 3 -27.22 5.53 7.67
C SER C 3 -27.51 6.95 8.12
N ASN C 4 -28.63 7.49 7.64
CA ASN C 4 -29.08 8.83 7.99
C ASN C 4 -30.05 8.72 9.15
N SER C 5 -29.62 9.17 10.33
CA SER C 5 -30.43 9.12 11.52
C SER C 5 -31.04 10.48 11.83
N LYS C 6 -32.11 10.45 12.61
CA LYS C 6 -32.88 11.62 12.97
C LYS C 6 -33.45 11.41 14.37
N LEU C 7 -33.59 12.51 15.10
CA LEU C 7 -34.04 12.44 16.49
C LEU C 7 -35.39 11.74 16.61
N LYS C 8 -35.42 10.66 17.39
CA LYS C 8 -36.62 9.85 17.55
C LYS C 8 -37.58 10.52 18.53
N GLY D 1 21.89 -1.84 -3.15
CA GLY D 1 22.30 -1.86 -4.56
C GLY D 1 22.72 -3.29 -4.91
N LYS D 2 23.03 -3.49 -6.06
CA LYS D 2 23.41 -4.82 -6.52
C LYS D 2 24.92 -4.88 -6.80
N SER D 3 25.49 -6.08 -6.67
CA SER D 3 26.89 -6.32 -6.97
C SER D 3 27.07 -6.60 -8.46
N ASN D 4 28.24 -6.25 -8.98
CA ASN D 4 28.60 -6.47 -10.36
C ASN D 4 29.76 -7.46 -10.39
N SER D 5 29.52 -8.66 -10.92
CA SER D 5 30.46 -9.76 -10.83
C SER D 5 30.95 -10.20 -12.20
N LYS D 6 32.20 -10.66 -12.25
CA LYS D 6 32.83 -11.25 -13.42
C LYS D 6 33.08 -12.72 -13.16
N LEU D 7 33.83 -13.36 -14.05
CA LEU D 7 34.23 -14.74 -13.88
C LEU D 7 35.53 -14.83 -13.09
N LYS D 8 36.02 -16.07 -12.92
CA LYS D 8 37.18 -16.40 -12.08
C LYS D 8 36.89 -16.13 -10.60
C1 GOL E . -18.55 -11.25 13.07
O1 GOL E . -18.46 -10.84 14.42
C2 GOL E . -17.57 -10.44 12.25
O2 GOL E . -16.47 -11.27 11.95
C3 GOL E . -18.23 -10.01 10.96
O3 GOL E . -18.34 -8.60 10.95
CL CL F . -20.14 -13.53 18.86
C1 GOL G . -11.19 6.82 7.79
O1 GOL G . -12.18 6.40 6.87
C2 GOL G . -11.34 6.01 9.07
O2 GOL G . -11.96 6.81 10.06
C3 GOL G . -9.98 5.55 9.56
O3 GOL G . -9.47 4.56 8.69
C1 GOL H . 20.23 -11.22 10.98
O1 GOL H . 20.57 -12.33 10.19
C2 GOL H . 19.13 -10.42 10.29
O2 GOL H . 18.08 -10.19 11.20
C3 GOL H . 19.71 -9.08 9.83
O3 GOL H . 19.64 -8.98 8.42
CL CL I . 22.51 -15.98 13.20
CL CL J . 7.66 8.58 -10.55
C1 GOL K . 9.52 -8.68 -5.43
O1 GOL K . 9.90 -8.64 -4.08
C2 GOL K . 10.74 -8.84 -6.32
O2 GOL K . 10.73 -10.12 -6.91
C3 GOL K . 10.72 -7.76 -7.39
O3 GOL K . 11.22 -6.55 -6.85
C1 MYR L . -21.78 0.75 2.57
O1 MYR L . -21.74 1.31 1.48
C2 MYR L . -21.19 -0.65 2.78
C3 MYR L . -21.37 -1.47 1.47
C4 MYR L . -21.65 -2.94 1.79
C5 MYR L . -21.10 -3.89 0.72
C6 MYR L . -20.29 -5.00 1.40
C7 MYR L . -18.91 -5.10 0.76
C8 MYR L . -18.25 -6.39 1.22
C9 MYR L . -16.75 -6.33 0.95
C10 MYR L . -16.49 -5.90 -0.50
C11 MYR L . -14.99 -5.99 -0.83
C12 MYR L . -14.25 -6.91 0.16
C13 MYR L . -12.99 -7.49 -0.50
C14 MYR L . -11.99 -7.94 0.56
C1 MYR M . 21.50 -0.71 -2.54
O1 MYR M . 21.44 0.38 -3.10
C2 MYR M . 21.11 -0.90 -1.07
C3 MYR M . 21.43 0.34 -0.24
C4 MYR M . 21.07 0.07 1.23
C5 MYR M . 20.99 1.38 2.02
C6 MYR M . 20.43 1.11 3.41
C7 MYR M . 18.89 1.08 3.37
C8 MYR M . 18.36 0.71 4.75
C9 MYR M . 16.83 0.77 4.76
C10 MYR M . 16.36 2.22 4.68
C11 MYR M . 14.84 2.29 4.78
C12 MYR M . 14.36 1.59 6.06
C13 MYR M . 12.90 1.97 6.32
C14 MYR M . 12.24 0.95 7.26
#